data_6N2E
#
_entry.id   6N2E
#
_cell.length_a   76.792
_cell.length_b   65.397
_cell.length_c   190.015
_cell.angle_alpha   90.00
_cell.angle_beta   99.12
_cell.angle_gamma   90.00
#
_symmetry.space_group_name_H-M   'P 1 21 1'
#
loop_
_entity.id
_entity.type
_entity.pdbx_description
1 polymer Protocadherin-15
2 polymer Cadherin-23
3 non-polymer 'CALCIUM ION'
4 water water
#
loop_
_entity_poly.entity_id
_entity_poly.type
_entity_poly.pdbx_seq_one_letter_code
_entity_poly.pdbx_strand_id
1 'polypeptide(L)'
;MQYDDDWQYEDCKLARDGPPATIVAIDEESRNGTILVDNMLIKGTAGGPDPTIELSLKDNVDYWVLMDPVKQMLFLNSTG
RVLDRDPPMNIHSIVVQVQCINKKVGTIIYHEVRIVVRDRNDNSPTFKHESYYATVNELTPVGTTIFTGFSGDNGATDID
DGPNGQIEYVIQYNPDDPTSNDTFEIPLMLTGNIVLRKRLNYEDKTRYFVIIQANDRAQNLNERRTTTTTLTVDVLDGDD
LGPMFLPCVLVPNTRDCRPLTYQAAIPELRTPEELNPIIVTPPIQAIDQDRNIQPPSDRPGILYSILVGTPEDYPRFFHM
HPRTAELSLLEPVNRDFHQKFDLVIKAEQDNGHPLPAFAGLHIEILDENDNLEHHHHHH
;
A,B
2 'polypeptide(L)'
;MQVNRLPFFTNHFFDEYLLISEDTPVGSSVTQLLARDMDNDPLVFGVSGEEASRFFAVEPDTGVVWLRQPLDRETKSEFT
VEFSVSDHQGVITRKVNIQVGDVNDNAPTFHNQPYSVRIPENTPVGTPIFIVNATDPDLGAGGSVLYSFQPPSPFFAIDS
ARGIVTVIQELDYEVTQAYQLTVNATDQDKTRPLSTLANLAIIITDLEHHHHHH
;
C,D
#
# COMPACT_ATOMS: atom_id res chain seq x y z
N TYR A 9 10.50 -24.35 50.42
CA TYR A 9 11.82 -24.89 50.85
C TYR A 9 12.93 -24.27 50.00
N GLU A 10 14.00 -25.02 49.75
CA GLU A 10 15.26 -24.47 49.18
C GLU A 10 15.64 -25.25 47.92
N ASP A 11 14.98 -26.37 47.66
CA ASP A 11 15.26 -27.26 46.49
C ASP A 11 14.38 -26.88 45.29
N CYS A 12 14.87 -27.16 44.08
CA CYS A 12 14.21 -26.87 42.77
C CYS A 12 14.01 -25.36 42.64
N LYS A 13 14.43 -24.62 43.65
CA LYS A 13 14.41 -23.15 43.64
C LYS A 13 15.60 -22.66 42.79
N LEU A 14 15.49 -21.45 42.27
CA LEU A 14 16.49 -20.87 41.33
C LEU A 14 17.62 -20.25 42.14
N ALA A 15 18.81 -20.85 42.08
CA ALA A 15 20.10 -20.29 42.59
C ALA A 15 20.44 -18.97 41.87
N ARG A 16 20.35 -18.94 40.55
CA ARG A 16 20.74 -17.74 39.75
C ARG A 16 19.93 -16.53 40.24
N ASP A 17 20.61 -15.42 40.49
CA ASP A 17 20.00 -14.12 40.87
C ASP A 17 19.53 -13.40 39.59
N GLY A 18 18.32 -13.72 39.09
CA GLY A 18 17.77 -13.13 37.86
C GLY A 18 16.28 -13.44 37.69
N PRO A 19 15.65 -13.07 36.55
CA PRO A 19 14.25 -13.41 36.30
C PRO A 19 14.08 -14.91 36.06
N PRO A 20 12.89 -15.47 36.32
CA PRO A 20 12.72 -16.93 36.35
C PRO A 20 13.02 -17.61 35.02
N ALA A 21 12.47 -17.05 33.96
CA ALA A 21 12.60 -17.55 32.59
C ALA A 21 14.06 -17.52 32.14
N THR A 22 14.50 -18.61 31.54
CA THR A 22 15.86 -18.72 30.97
C THR A 22 15.79 -18.52 29.47
N ILE A 23 16.40 -17.45 28.94
CA ILE A 23 16.24 -17.08 27.52
C ILE A 23 17.59 -16.98 26.82
N VAL A 24 17.67 -17.72 25.72
CA VAL A 24 18.90 -17.96 24.94
C VAL A 24 18.55 -17.72 23.48
N ALA A 25 19.59 -17.44 22.70
CA ALA A 25 19.51 -17.27 21.23
C ALA A 25 20.52 -18.17 20.55
N ILE A 26 20.06 -18.86 19.53
CA ILE A 26 20.96 -19.60 18.60
C ILE A 26 20.64 -19.22 17.15
N ASP A 27 21.58 -19.53 16.25
CA ASP A 27 21.38 -19.41 14.78
C ASP A 27 20.48 -20.55 14.30
N GLU A 28 19.64 -20.25 13.32
CA GLU A 28 18.79 -21.28 12.67
C GLU A 28 19.72 -22.32 12.03
N GLU A 29 19.24 -23.54 11.92
CA GLU A 29 19.96 -24.65 11.22
C GLU A 29 21.30 -24.89 11.91
N SER A 30 21.38 -24.65 13.23
CA SER A 30 22.55 -25.02 14.08
C SER A 30 22.74 -26.53 14.02
N ARG A 31 23.97 -27.00 14.26
CA ARG A 31 24.31 -28.44 14.42
C ARG A 31 23.35 -29.11 15.40
N ASN A 32 22.97 -30.35 15.11
CA ASN A 32 22.40 -31.31 16.09
C ASN A 32 23.38 -31.47 17.25
N GLY A 33 22.93 -31.31 18.49
CA GLY A 33 23.78 -31.42 19.70
C GLY A 33 24.28 -30.08 20.20
N THR A 34 23.95 -28.99 19.49
CA THR A 34 24.22 -27.59 19.91
C THR A 34 23.78 -27.39 21.37
N ILE A 35 24.61 -26.75 22.17
CA ILE A 35 24.26 -26.36 23.57
C ILE A 35 23.38 -25.11 23.53
N LEU A 36 22.14 -25.27 24.00
CA LEU A 36 21.15 -24.17 24.18
C LEU A 36 21.33 -23.58 25.59
N VAL A 37 21.57 -24.41 26.60
CA VAL A 37 21.93 -23.91 27.96
C VAL A 37 23.11 -24.72 28.49
N ASP A 38 24.10 -24.05 29.09
CA ASP A 38 25.31 -24.70 29.63
C ASP A 38 24.91 -25.42 30.91
N ASN A 39 24.08 -24.76 31.71
CA ASN A 39 23.73 -25.15 33.11
C ASN A 39 22.57 -24.26 33.53
N MET A 40 21.44 -24.86 33.92
CA MET A 40 20.22 -24.09 34.33
C MET A 40 20.53 -23.28 35.60
N LEU A 41 21.40 -23.81 36.47
CA LEU A 41 21.71 -23.28 37.82
C LEU A 41 20.53 -23.50 38.77
N ILE A 42 19.93 -24.70 38.73
CA ILE A 42 18.82 -25.14 39.64
C ILE A 42 19.40 -25.64 40.97
N THR A 52 18.15 -35.38 45.46
CA THR A 52 17.38 -34.24 46.04
C THR A 52 16.35 -33.71 45.05
N ILE A 53 16.67 -33.71 43.76
CA ILE A 53 15.69 -33.23 42.74
C ILE A 53 15.63 -34.19 41.56
N GLU A 54 14.51 -34.07 40.84
CA GLU A 54 14.19 -34.80 39.60
C GLU A 54 13.82 -33.78 38.51
N LEU A 55 14.44 -33.94 37.34
CA LEU A 55 14.39 -32.98 36.22
C LEU A 55 13.93 -33.66 34.94
N SER A 56 12.95 -33.06 34.29
CA SER A 56 12.47 -33.47 32.96
C SER A 56 12.11 -32.28 32.10
N LEU A 57 11.77 -32.56 30.83
CA LEU A 57 11.39 -31.55 29.84
C LEU A 57 9.94 -31.76 29.46
N LYS A 58 9.16 -30.67 29.58
CA LYS A 58 7.70 -30.64 29.29
C LYS A 58 7.41 -29.65 28.15
N ASP A 59 6.28 -29.85 27.46
CA ASP A 59 6.01 -29.17 26.17
C ASP A 59 7.28 -29.21 25.32
N ASN A 60 7.97 -30.35 25.26
CA ASN A 60 9.08 -30.53 24.29
C ASN A 60 8.46 -30.95 22.96
N VAL A 61 7.55 -30.14 22.44
CA VAL A 61 6.97 -30.29 21.08
C VAL A 61 8.12 -30.54 20.08
N ASP A 62 8.01 -31.64 19.31
CA ASP A 62 8.93 -31.99 18.19
C ASP A 62 10.24 -32.58 18.76
N TYR A 63 10.34 -32.71 20.08
CA TYR A 63 11.55 -33.25 20.73
C TYR A 63 12.76 -32.46 20.26
N TRP A 64 12.62 -31.14 20.16
CA TRP A 64 13.72 -30.21 19.77
C TRP A 64 14.82 -30.25 20.82
N VAL A 65 14.44 -30.04 22.08
CA VAL A 65 15.42 -29.94 23.18
C VAL A 65 15.68 -31.35 23.75
N LEU A 66 16.78 -31.44 24.48
CA LEU A 66 17.24 -32.62 25.21
C LEU A 66 18.03 -32.09 26.40
N MET A 67 18.12 -32.87 27.43
CA MET A 67 18.66 -32.33 28.68
C MET A 67 19.59 -33.34 29.32
N ASP A 68 20.59 -32.82 29.99
CA ASP A 68 21.46 -33.61 30.87
C ASP A 68 21.18 -33.17 32.30
N PRO A 69 20.35 -33.93 33.02
CA PRO A 69 19.95 -33.59 34.39
C PRO A 69 21.15 -33.33 35.31
N VAL A 70 22.18 -34.16 35.20
CA VAL A 70 23.43 -34.06 36.00
C VAL A 70 24.04 -32.66 35.84
N LYS A 71 24.22 -32.18 34.63
CA LYS A 71 24.85 -30.86 34.40
C LYS A 71 23.79 -29.75 34.26
N GLN A 72 22.50 -30.12 34.10
CA GLN A 72 21.34 -29.21 33.88
C GLN A 72 21.58 -28.41 32.60
N MET A 73 22.05 -29.18 31.62
CA MET A 73 22.52 -28.81 30.28
C MET A 73 21.48 -29.29 29.30
N LEU A 74 21.33 -28.49 28.25
CA LEU A 74 20.26 -28.44 27.24
C LEU A 74 20.90 -28.43 25.86
N PHE A 75 20.39 -29.32 25.00
CA PHE A 75 20.92 -29.60 23.66
C PHE A 75 19.82 -29.49 22.61
N LEU A 76 20.22 -29.08 21.41
CA LEU A 76 19.36 -29.19 20.21
C LEU A 76 19.40 -30.60 19.66
N ASN A 77 18.23 -31.18 19.44
CA ASN A 77 18.08 -32.44 18.70
C ASN A 77 17.50 -32.15 17.32
N SER A 78 18.35 -32.08 16.31
CA SER A 78 17.94 -31.80 14.92
C SER A 78 18.53 -32.84 13.97
N THR A 79 18.96 -33.99 14.48
CA THR A 79 19.51 -35.10 13.66
C THR A 79 18.44 -35.57 12.66
N GLY A 80 18.80 -35.67 11.39
CA GLY A 80 17.86 -36.03 10.29
C GLY A 80 17.17 -34.81 9.71
N ARG A 81 17.11 -33.72 10.47
CA ARG A 81 16.35 -32.52 10.08
C ARG A 81 17.22 -31.28 10.26
N VAL A 82 16.66 -30.12 9.92
CA VAL A 82 17.30 -28.81 10.14
C VAL A 82 16.34 -27.90 10.91
N LEU A 83 16.91 -27.07 11.77
CA LEU A 83 16.13 -26.01 12.45
C LEU A 83 16.03 -24.85 11.48
N ASP A 84 14.84 -24.62 10.90
CA ASP A 84 14.67 -23.68 9.77
C ASP A 84 13.74 -22.55 10.20
N ARG A 85 14.28 -21.32 10.25
CA ARG A 85 13.54 -20.09 10.70
C ARG A 85 12.77 -19.51 9.53
N ASP A 86 13.20 -19.84 8.30
CA ASP A 86 12.58 -19.33 7.06
C ASP A 86 11.35 -20.16 6.73
N PRO A 87 10.44 -19.69 5.86
CA PRO A 87 9.42 -20.56 5.28
C PRO A 87 10.06 -21.77 4.57
N PRO A 88 9.39 -22.95 4.62
CA PRO A 88 8.03 -23.04 5.15
C PRO A 88 7.91 -23.48 6.62
N MET A 89 9.02 -23.78 7.30
CA MET A 89 9.01 -24.26 8.71
C MET A 89 8.69 -23.11 9.67
N ASN A 90 9.32 -21.96 9.45
CA ASN A 90 8.96 -20.67 10.10
C ASN A 90 9.13 -20.76 11.61
N ILE A 91 10.18 -21.46 12.07
CA ILE A 91 10.46 -21.63 13.53
C ILE A 91 11.22 -20.41 14.03
N HIS A 92 10.51 -19.44 14.60
CA HIS A 92 11.07 -18.18 15.14
C HIS A 92 11.56 -18.38 16.58
N SER A 93 10.98 -19.32 17.30
CA SER A 93 11.52 -19.72 18.61
C SER A 93 11.10 -21.13 19.03
N ILE A 94 11.74 -21.60 20.09
CA ILE A 94 11.32 -22.83 20.81
C ILE A 94 11.17 -22.54 22.29
N VAL A 95 9.99 -22.84 22.82
CA VAL A 95 9.74 -22.81 24.29
C VAL A 95 9.56 -24.24 24.81
N VAL A 96 10.33 -24.55 25.84
CA VAL A 96 10.13 -25.78 26.64
C VAL A 96 10.17 -25.42 28.12
N GLN A 97 9.80 -26.42 28.92
CA GLN A 97 9.71 -26.30 30.40
C GLN A 97 10.62 -27.33 31.08
N VAL A 98 11.55 -26.84 31.90
CA VAL A 98 12.41 -27.71 32.72
C VAL A 98 11.67 -27.93 34.02
N GLN A 99 11.04 -29.08 34.14
CA GLN A 99 10.22 -29.42 35.33
C GLN A 99 11.12 -30.03 36.40
N CYS A 100 10.97 -29.49 37.61
CA CYS A 100 11.75 -29.87 38.81
C CYS A 100 10.81 -30.34 39.93
N ILE A 101 10.98 -31.59 40.36
CA ILE A 101 10.36 -32.11 41.60
C ILE A 101 11.38 -32.06 42.74
N ASN A 102 10.91 -31.51 43.85
CA ASN A 102 11.65 -31.46 45.14
C ASN A 102 11.37 -32.75 45.90
N LYS A 103 12.39 -33.59 46.10
CA LYS A 103 12.15 -35.00 46.47
C LYS A 103 11.74 -35.07 47.96
N LYS A 104 12.26 -34.17 48.79
CA LYS A 104 11.83 -34.02 50.21
C LYS A 104 10.33 -33.69 50.25
N VAL A 105 9.95 -32.49 49.79
CA VAL A 105 8.63 -31.86 50.06
C VAL A 105 7.58 -32.40 49.08
N GLY A 106 7.91 -32.51 47.79
CA GLY A 106 7.02 -33.07 46.74
C GLY A 106 6.41 -32.00 45.87
N THR A 107 6.93 -30.79 45.98
CA THR A 107 6.63 -29.65 45.09
C THR A 107 7.13 -29.91 43.68
N ILE A 108 6.43 -29.26 42.73
CA ILE A 108 6.74 -29.20 41.28
C ILE A 108 6.96 -27.75 40.88
N ILE A 109 8.14 -27.46 40.30
CA ILE A 109 8.52 -26.14 39.73
C ILE A 109 8.89 -26.31 38.27
N TYR A 110 8.28 -25.50 37.41
CA TYR A 110 8.68 -25.39 35.99
C TYR A 110 9.58 -24.18 35.81
N HIS A 111 10.76 -24.43 35.23
CA HIS A 111 11.67 -23.38 34.73
C HIS A 111 11.51 -23.28 33.22
N GLU A 112 10.83 -22.23 32.78
CA GLU A 112 10.65 -21.91 31.36
C GLU A 112 12.01 -21.63 30.76
N VAL A 113 12.22 -22.24 29.58
CA VAL A 113 13.35 -21.96 28.64
C VAL A 113 12.79 -21.47 27.32
N ARG A 114 13.25 -20.29 26.90
CA ARG A 114 12.92 -19.72 25.57
C ARG A 114 14.17 -19.68 24.72
N ILE A 115 14.18 -20.41 23.59
CA ILE A 115 15.30 -20.28 22.63
C ILE A 115 14.80 -19.48 21.46
N VAL A 116 15.35 -18.27 21.32
CA VAL A 116 15.10 -17.39 20.15
C VAL A 116 16.02 -17.79 19.01
N VAL A 117 15.41 -18.05 17.85
CA VAL A 117 16.16 -18.55 16.67
C VAL A 117 16.51 -17.36 15.77
N ARG A 118 17.81 -17.13 15.57
CA ARG A 118 18.31 -16.02 14.75
C ARG A 118 18.30 -16.44 13.27
N ASP A 119 17.79 -15.55 12.44
CA ASP A 119 17.84 -15.73 10.98
C ASP A 119 19.28 -15.64 10.54
N ARG A 120 19.61 -16.53 9.61
CA ARG A 120 20.86 -16.61 8.81
C ARG A 120 20.59 -16.39 7.31
N ASN A 121 21.50 -15.73 6.63
CA ASN A 121 21.32 -15.46 5.19
C ASN A 121 21.67 -16.72 4.39
N ASP A 122 20.81 -17.74 4.45
CA ASP A 122 21.10 -19.07 3.85
C ASP A 122 20.23 -19.26 2.61
N ASN A 123 19.62 -18.17 2.12
CA ASN A 123 18.75 -18.19 0.90
C ASN A 123 19.10 -17.02 -0.01
N SER A 124 19.18 -17.30 -1.32
CA SER A 124 19.45 -16.31 -2.40
C SER A 124 18.14 -15.71 -2.89
N PRO A 125 18.14 -14.50 -3.50
CA PRO A 125 16.96 -13.99 -4.16
C PRO A 125 16.60 -14.98 -5.27
N THR A 126 15.34 -14.98 -5.68
CA THR A 126 14.84 -15.79 -6.81
C THR A 126 13.99 -14.92 -7.69
N PHE A 127 14.08 -15.07 -9.01
CA PHE A 127 13.21 -14.32 -9.93
C PHE A 127 11.97 -15.16 -10.14
N LYS A 128 10.81 -14.51 -10.04
CA LYS A 128 9.50 -15.14 -10.29
C LYS A 128 9.48 -15.72 -11.71
N HIS A 129 10.25 -15.18 -12.66
CA HIS A 129 10.25 -15.68 -14.06
C HIS A 129 11.66 -15.98 -14.55
N GLU A 130 11.77 -16.78 -15.60
CA GLU A 130 13.05 -17.14 -16.24
C GLU A 130 13.48 -16.04 -17.19
N SER A 131 12.61 -15.07 -17.43
CA SER A 131 12.74 -14.05 -18.49
C SER A 131 11.70 -12.96 -18.30
N TYR A 132 12.08 -11.77 -18.75
CA TYR A 132 11.26 -10.57 -18.71
C TYR A 132 11.34 -9.90 -20.09
N TYR A 133 10.28 -9.23 -20.45
CA TYR A 133 10.10 -8.71 -21.82
C TYR A 133 9.54 -7.30 -21.74
N ALA A 134 10.08 -6.43 -22.56
CA ALA A 134 9.61 -5.03 -22.60
C ALA A 134 9.66 -4.57 -24.04
N THR A 135 8.79 -3.64 -24.36
CA THR A 135 8.79 -2.88 -25.63
C THR A 135 8.92 -1.38 -25.37
N VAL A 136 9.74 -0.77 -26.18
CA VAL A 136 9.97 0.71 -26.10
C VAL A 136 9.82 1.32 -27.49
N ASN A 137 8.84 2.21 -27.67
CA ASN A 137 8.69 3.02 -28.87
C ASN A 137 9.94 3.86 -29.02
N GLU A 138 10.43 4.00 -30.24
CA GLU A 138 11.79 4.55 -30.49
C GLU A 138 11.79 6.07 -30.22
N LEU A 139 10.62 6.72 -30.24
CA LEU A 139 10.45 8.17 -29.98
C LEU A 139 10.40 8.46 -28.47
N THR A 140 10.23 7.43 -27.63
CA THR A 140 10.30 7.57 -26.14
C THR A 140 11.50 8.42 -25.74
N PRO A 141 11.30 9.58 -25.05
CA PRO A 141 12.36 10.49 -24.60
C PRO A 141 13.28 9.92 -23.52
N VAL A 142 14.57 10.23 -23.63
CA VAL A 142 15.61 9.79 -22.65
C VAL A 142 15.16 10.27 -21.29
N GLY A 143 15.28 9.45 -20.26
CA GLY A 143 14.77 9.71 -18.90
C GLY A 143 13.43 9.00 -18.59
N THR A 144 12.75 8.44 -19.60
CA THR A 144 11.44 7.75 -19.38
C THR A 144 11.68 6.40 -18.71
N THR A 145 10.77 6.04 -17.81
CA THR A 145 10.72 4.71 -17.19
C THR A 145 10.04 3.77 -18.17
N ILE A 146 10.75 2.72 -18.57
CA ILE A 146 10.37 1.84 -19.71
C ILE A 146 9.95 0.47 -19.18
N PHE A 147 10.28 0.14 -17.92
CA PHE A 147 10.02 -1.18 -17.29
C PHE A 147 9.74 -1.04 -15.78
N THR A 148 8.65 -1.62 -15.29
CA THR A 148 8.34 -1.69 -13.83
C THR A 148 7.87 -3.09 -13.44
N GLY A 149 8.38 -4.11 -14.10
CA GLY A 149 7.84 -5.50 -14.06
C GLY A 149 8.31 -6.23 -12.83
N PHE A 150 9.23 -5.61 -12.09
CA PHE A 150 9.83 -6.21 -10.85
C PHE A 150 9.01 -5.76 -9.66
N SER A 151 8.18 -4.75 -9.85
CA SER A 151 7.27 -4.22 -8.80
C SER A 151 6.48 -5.37 -8.18
N GLY A 152 6.33 -5.36 -6.85
CA GLY A 152 5.35 -6.18 -6.11
C GLY A 152 5.54 -7.66 -6.37
N ASP A 153 6.72 -8.20 -6.10
CA ASP A 153 6.92 -9.69 -6.04
C ASP A 153 6.73 -10.29 -7.43
N ASN A 154 6.84 -9.52 -8.47
CA ASN A 154 6.91 -10.05 -9.85
C ASN A 154 8.39 -10.15 -10.25
N GLY A 155 9.27 -9.51 -9.47
CA GLY A 155 10.73 -9.58 -9.66
C GLY A 155 11.35 -10.64 -8.78
N ALA A 156 12.35 -10.24 -8.01
CA ALA A 156 13.11 -11.13 -7.13
C ALA A 156 12.57 -11.01 -5.71
N THR A 157 12.37 -12.15 -5.07
CA THR A 157 11.98 -12.25 -3.65
C THR A 157 12.93 -13.20 -2.91
N ASP A 158 13.13 -12.97 -1.63
CA ASP A 158 14.14 -13.70 -0.83
C ASP A 158 13.50 -14.16 0.48
N ILE A 159 13.52 -15.47 0.75
CA ILE A 159 12.67 -16.01 1.82
C ILE A 159 13.29 -15.69 3.18
N ASP A 160 14.55 -15.26 3.26
CA ASP A 160 15.18 -14.81 4.54
C ASP A 160 14.44 -13.57 5.07
N ASP A 161 14.84 -13.09 6.23
CA ASP A 161 14.15 -12.04 7.01
C ASP A 161 15.01 -10.77 6.97
N GLY A 162 14.41 -9.62 7.29
CA GLY A 162 15.09 -8.30 7.34
C GLY A 162 15.99 -8.06 6.13
N PRO A 163 17.19 -7.45 6.34
CA PRO A 163 18.10 -7.16 5.24
C PRO A 163 18.41 -8.40 4.38
N ASN A 164 18.53 -9.57 5.03
CA ASN A 164 18.87 -10.85 4.36
C ASN A 164 17.84 -11.13 3.25
N GLY A 165 16.65 -10.55 3.35
CA GLY A 165 15.52 -10.85 2.43
C GLY A 165 15.16 -9.69 1.51
N GLN A 166 15.71 -8.52 1.77
CA GLN A 166 15.54 -7.30 0.96
C GLN A 166 16.48 -7.30 -0.26
N ILE A 167 16.00 -6.70 -1.35
CA ILE A 167 16.55 -6.87 -2.71
C ILE A 167 16.96 -5.52 -3.28
N GLU A 168 18.17 -5.53 -3.83
CA GLU A 168 18.75 -4.50 -4.74
C GLU A 168 19.02 -5.07 -6.13
N TYR A 169 18.80 -4.20 -7.13
CA TYR A 169 18.87 -4.55 -8.57
C TYR A 169 19.91 -3.69 -9.27
N VAL A 170 20.78 -4.37 -10.00
CA VAL A 170 21.88 -3.74 -10.75
C VAL A 170 21.89 -4.33 -12.15
N ILE A 171 22.12 -3.47 -13.13
CA ILE A 171 22.27 -3.89 -14.54
C ILE A 171 23.73 -4.19 -14.79
N GLN A 172 23.96 -5.29 -15.48
CA GLN A 172 25.29 -5.85 -15.76
C GLN A 172 25.72 -5.64 -17.22
N TYR A 173 27.02 -5.44 -17.41
CA TYR A 173 27.68 -5.55 -18.73
C TYR A 173 27.35 -6.91 -19.30
N ASN A 174 26.73 -6.92 -20.48
CA ASN A 174 26.40 -8.14 -21.25
C ASN A 174 27.38 -8.22 -22.40
N PRO A 175 28.40 -9.11 -22.27
CA PRO A 175 29.36 -9.36 -23.33
C PRO A 175 28.71 -9.69 -24.67
N ASP A 176 27.50 -10.24 -24.68
CA ASP A 176 26.83 -10.61 -25.96
C ASP A 176 25.97 -9.45 -26.48
N ASP A 177 25.88 -8.34 -25.71
CA ASP A 177 25.16 -7.10 -26.10
C ASP A 177 25.72 -5.91 -25.33
N PRO A 178 26.92 -5.44 -25.75
CA PRO A 178 27.69 -4.47 -24.96
C PRO A 178 27.00 -3.13 -24.70
N THR A 179 26.06 -2.73 -25.56
CA THR A 179 25.49 -1.36 -25.46
C THR A 179 24.21 -1.39 -24.64
N SER A 180 23.77 -2.56 -24.15
CA SER A 180 22.52 -2.66 -23.37
C SER A 180 22.74 -1.98 -22.02
N ASN A 181 23.93 -2.06 -21.45
CA ASN A 181 24.19 -1.36 -20.16
C ASN A 181 24.42 0.13 -20.44
N ASP A 182 24.94 0.52 -21.61
CA ASP A 182 24.92 1.93 -22.07
C ASP A 182 23.49 2.47 -22.03
N THR A 183 22.58 1.81 -22.72
CA THR A 183 21.29 2.38 -23.18
C THR A 183 20.29 2.39 -22.03
N PHE A 184 20.46 1.53 -21.03
CA PHE A 184 19.42 1.31 -20.00
C PHE A 184 20.04 1.41 -18.61
N GLU A 185 19.28 1.88 -17.64
CA GLU A 185 19.82 2.12 -16.28
C GLU A 185 18.70 2.04 -15.22
N ILE A 186 19.09 1.71 -13.99
CA ILE A 186 18.21 1.54 -12.80
C ILE A 186 18.63 2.55 -11.75
N PRO A 187 18.00 3.72 -11.73
CA PRO A 187 18.40 4.77 -10.81
C PRO A 187 18.23 4.32 -9.36
N LEU A 188 17.11 3.66 -9.05
CA LEU A 188 16.76 3.24 -7.68
C LEU A 188 16.81 1.72 -7.59
N MET A 189 17.90 1.15 -7.10
CA MET A 189 18.09 -0.31 -7.03
C MET A 189 17.02 -0.96 -6.14
N LEU A 190 16.36 -0.22 -5.24
CA LEU A 190 15.32 -0.83 -4.36
C LEU A 190 14.06 -1.16 -5.17
N THR A 191 13.84 -0.50 -6.29
CA THR A 191 12.63 -0.63 -7.13
C THR A 191 12.94 -1.51 -8.35
N GLY A 192 14.11 -1.31 -8.96
CA GLY A 192 14.54 -2.03 -10.18
C GLY A 192 13.73 -1.64 -11.41
N ASN A 193 12.91 -0.58 -11.34
CA ASN A 193 12.38 0.13 -12.53
C ASN A 193 13.53 0.60 -13.39
N ILE A 194 13.43 0.33 -14.67
CA ILE A 194 14.51 0.62 -15.65
C ILE A 194 14.10 1.80 -16.51
N VAL A 195 15.10 2.58 -16.88
CA VAL A 195 14.99 3.98 -17.39
C VAL A 195 15.82 4.11 -18.65
N LEU A 196 15.21 4.69 -19.68
CA LEU A 196 15.89 4.83 -20.98
C LEU A 196 16.96 5.91 -20.86
N ARG A 197 18.19 5.56 -21.18
CA ARG A 197 19.36 6.41 -20.92
C ARG A 197 19.97 6.87 -22.25
N LYS A 198 19.72 6.17 -23.35
CA LYS A 198 20.19 6.61 -24.69
C LYS A 198 19.04 6.55 -25.68
N ARG A 199 18.95 7.55 -26.56
CA ARG A 199 17.90 7.60 -27.58
C ARG A 199 17.99 6.34 -28.45
N LEU A 200 16.84 5.77 -28.86
CA LEU A 200 16.80 4.57 -29.71
C LEU A 200 16.69 5.00 -31.17
N ASN A 201 17.00 4.11 -32.11
CA ASN A 201 16.69 4.24 -33.54
C ASN A 201 16.26 2.87 -34.00
N TYR A 202 15.00 2.74 -34.39
CA TYR A 202 14.51 1.48 -34.98
C TYR A 202 15.40 1.01 -36.12
N GLU A 203 16.02 1.90 -36.91
CA GLU A 203 16.84 1.51 -38.09
C GLU A 203 18.18 0.90 -37.65
N ASP A 204 18.57 1.07 -36.39
CA ASP A 204 19.97 0.77 -36.03
C ASP A 204 20.01 -0.45 -35.14
N LYS A 205 19.01 -0.63 -34.29
CA LYS A 205 18.91 -1.84 -33.44
C LYS A 205 17.47 -2.00 -33.00
N THR A 206 16.92 -3.19 -33.03
CA THR A 206 15.49 -3.35 -32.68
C THR A 206 15.40 -4.07 -31.33
N ARG A 207 16.44 -4.77 -30.93
CA ARG A 207 16.37 -5.64 -29.75
C ARG A 207 17.64 -5.50 -28.94
N TYR A 208 17.41 -5.45 -27.65
CA TYR A 208 18.42 -5.41 -26.55
C TYR A 208 18.21 -6.60 -25.61
N PHE A 209 19.33 -7.02 -25.02
CA PHE A 209 19.39 -8.05 -23.97
C PHE A 209 20.01 -7.49 -22.70
N VAL A 210 19.14 -7.05 -21.81
CA VAL A 210 19.58 -6.39 -20.55
C VAL A 210 19.76 -7.47 -19.49
N ILE A 211 20.98 -7.59 -18.96
CA ILE A 211 21.24 -8.53 -17.85
C ILE A 211 21.12 -7.76 -16.54
N ILE A 212 20.25 -8.29 -15.68
CA ILE A 212 19.82 -7.71 -14.39
C ILE A 212 20.15 -8.71 -13.29
N GLN A 213 20.74 -8.19 -12.22
CA GLN A 213 21.21 -8.95 -11.05
C GLN A 213 20.60 -8.38 -9.78
N ALA A 214 19.94 -9.26 -9.03
CA ALA A 214 19.43 -9.03 -7.68
C ALA A 214 20.45 -9.54 -6.67
N ASN A 215 20.68 -8.72 -5.66
CA ASN A 215 21.40 -9.09 -4.43
C ASN A 215 20.53 -8.75 -3.24
N ASP A 216 20.61 -9.60 -2.22
CA ASP A 216 20.05 -9.35 -0.87
C ASP A 216 20.98 -8.42 -0.09
N ARG A 217 20.48 -7.93 1.04
CA ARG A 217 21.07 -6.79 1.78
C ARG A 217 21.66 -7.27 3.11
N ALA A 218 22.24 -8.47 3.12
CA ALA A 218 23.01 -9.03 4.26
C ALA A 218 23.99 -7.98 4.79
N GLN A 219 24.16 -7.91 6.11
CA GLN A 219 25.05 -6.94 6.81
C GLN A 219 26.52 -7.22 6.45
N ASN A 220 26.81 -8.50 6.19
CA ASN A 220 28.13 -9.02 5.78
C ASN A 220 28.21 -8.98 4.25
N LEU A 221 29.10 -8.17 3.68
CA LEU A 221 29.23 -8.07 2.21
C LEU A 221 29.55 -9.45 1.65
N ASN A 222 30.42 -10.20 2.35
CA ASN A 222 30.87 -11.58 1.94
C ASN A 222 29.68 -12.55 1.94
N GLU A 223 28.60 -12.25 2.65
CA GLU A 223 27.46 -13.19 2.84
C GLU A 223 26.31 -12.85 1.90
N ARG A 224 26.48 -11.79 1.11
CA ARG A 224 25.43 -11.31 0.20
C ARG A 224 25.36 -12.29 -0.94
N ARG A 225 24.13 -12.46 -1.44
CA ARG A 225 23.76 -13.50 -2.42
C ARG A 225 23.06 -12.83 -3.60
N THR A 226 23.23 -13.46 -4.75
CA THR A 226 22.92 -12.87 -6.07
C THR A 226 22.10 -13.85 -6.91
N THR A 227 21.27 -13.27 -7.75
CA THR A 227 20.57 -13.93 -8.87
C THR A 227 20.61 -12.99 -10.07
N THR A 228 20.65 -13.58 -11.26
CA THR A 228 20.48 -12.82 -12.52
C THR A 228 19.27 -13.29 -13.34
N THR A 229 18.71 -12.34 -14.07
CA THR A 229 17.68 -12.58 -15.10
C THR A 229 18.11 -11.84 -16.35
N THR A 230 17.44 -12.13 -17.47
CA THR A 230 17.50 -11.29 -18.66
C THR A 230 16.15 -10.67 -18.99
N LEU A 231 16.24 -9.39 -19.32
CA LEU A 231 15.15 -8.53 -19.84
C LEU A 231 15.44 -8.25 -21.30
N THR A 232 14.73 -8.93 -22.18
CA THR A 232 14.69 -8.55 -23.60
C THR A 232 13.83 -7.31 -23.73
N VAL A 233 14.39 -6.31 -24.45
CA VAL A 233 13.67 -5.10 -24.89
C VAL A 233 13.59 -5.00 -26.42
N ASP A 234 12.37 -4.94 -26.91
CA ASP A 234 12.08 -4.69 -28.35
C ASP A 234 11.73 -3.21 -28.55
N VAL A 235 12.43 -2.59 -29.47
CA VAL A 235 12.10 -1.22 -29.95
C VAL A 235 10.93 -1.34 -30.92
N LEU A 236 9.91 -0.52 -30.74
CA LEU A 236 8.85 -0.32 -31.74
C LEU A 236 9.18 0.87 -32.64
N ASP A 237 9.05 0.62 -33.92
CA ASP A 237 9.08 1.63 -35.01
C ASP A 237 8.11 2.75 -34.68
N GLY A 238 8.58 3.98 -34.66
CA GLY A 238 7.74 5.14 -34.45
C GLY A 238 7.78 5.97 -35.70
N ASP A 239 6.85 6.91 -35.81
CA ASP A 239 6.72 7.81 -36.96
C ASP A 239 7.79 8.90 -36.89
N ASP A 240 9.04 8.65 -37.28
CA ASP A 240 10.14 9.62 -37.21
C ASP A 240 10.67 9.94 -38.61
N LEU A 241 10.11 9.30 -39.61
CA LEU A 241 10.55 9.51 -41.01
C LEU A 241 9.33 9.82 -41.84
N GLY A 242 9.58 10.59 -42.90
CA GLY A 242 8.63 10.88 -43.98
C GLY A 242 8.62 9.85 -45.12
N PRO A 243 7.86 10.15 -46.17
CA PRO A 243 7.79 9.28 -47.33
C PRO A 243 9.11 9.12 -48.09
N MET A 244 9.15 8.12 -48.95
CA MET A 244 10.12 8.06 -50.07
C MET A 244 9.37 7.81 -51.35
N PHE A 245 9.68 8.59 -52.37
CA PHE A 245 9.26 8.30 -53.74
C PHE A 245 9.83 6.93 -54.10
N LEU A 246 9.13 6.26 -54.97
CA LEU A 246 9.66 5.07 -55.70
C LEU A 246 9.70 5.36 -57.20
N PRO A 247 10.76 4.87 -57.91
CA PRO A 247 11.77 3.99 -57.29
C PRO A 247 12.82 4.71 -56.44
N CYS A 248 13.40 3.96 -55.53
CA CYS A 248 14.39 4.43 -54.55
C CYS A 248 15.61 3.55 -54.56
N VAL A 249 16.67 3.96 -55.22
CA VAL A 249 17.94 3.22 -55.17
C VAL A 249 18.92 3.97 -54.29
N LEU A 250 19.32 3.40 -53.17
CA LEU A 250 20.13 4.09 -52.17
C LEU A 250 21.47 4.46 -52.80
N VAL A 251 21.90 5.68 -52.57
CA VAL A 251 23.26 6.16 -52.92
C VAL A 251 24.27 5.37 -52.09
N PRO A 252 25.32 4.80 -52.69
CA PRO A 252 26.30 4.03 -51.94
C PRO A 252 26.76 4.73 -50.64
N ASN A 253 26.77 3.98 -49.54
CA ASN A 253 27.26 4.33 -48.18
C ASN A 253 26.33 5.36 -47.52
N THR A 254 25.05 5.39 -47.92
CA THR A 254 24.01 6.29 -47.37
C THR A 254 22.70 5.51 -47.20
N ARG A 255 21.73 6.09 -46.53
CA ARG A 255 20.33 5.58 -46.50
C ARG A 255 19.47 6.53 -47.31
N ASP A 256 20.07 7.33 -48.18
CA ASP A 256 19.32 8.36 -48.95
C ASP A 256 19.02 7.79 -50.33
N CYS A 257 17.74 7.81 -50.72
CA CYS A 257 17.25 7.54 -52.10
C CYS A 257 18.00 8.50 -53.01
N ARG A 258 18.65 7.99 -54.07
CA ARG A 258 19.22 8.87 -55.11
C ARG A 258 18.08 9.60 -55.86
N PRO A 259 18.22 10.90 -56.09
CA PRO A 259 17.12 11.71 -56.57
C PRO A 259 16.50 11.24 -57.87
N LEU A 260 15.21 11.44 -57.99
CA LEU A 260 14.37 10.85 -59.07
C LEU A 260 13.63 11.95 -59.84
N THR A 261 13.79 11.99 -61.14
CA THR A 261 13.01 12.91 -61.98
C THR A 261 12.05 12.06 -62.79
N TYR A 262 10.76 12.27 -62.62
CA TYR A 262 9.77 11.56 -63.44
C TYR A 262 9.69 12.24 -64.80
N GLN A 263 9.15 11.53 -65.78
CA GLN A 263 8.99 12.07 -67.14
C GLN A 263 7.54 11.94 -67.63
N ALA A 264 7.07 12.99 -68.29
CA ALA A 264 5.86 12.94 -69.11
C ALA A 264 6.12 13.59 -70.46
N ALA A 265 5.32 13.22 -71.46
CA ALA A 265 5.27 13.93 -72.75
C ALA A 265 3.83 14.20 -73.14
N ILE A 266 3.65 15.36 -73.70
CA ILE A 266 2.32 15.93 -74.12
C ILE A 266 2.43 16.41 -75.56
N PRO A 267 1.64 15.82 -76.49
CA PRO A 267 1.39 16.43 -77.77
C PRO A 267 0.83 17.86 -77.68
N GLU A 268 1.25 18.69 -78.62
CA GLU A 268 1.07 20.14 -78.50
C GLU A 268 -0.41 20.46 -78.64
N LEU A 269 -1.16 20.10 -79.66
CA LEU A 269 -2.45 20.82 -79.69
C LEU A 269 -3.59 19.88 -79.33
N ARG A 270 -3.31 18.88 -78.52
CA ARG A 270 -4.30 17.90 -78.04
C ARG A 270 -5.02 18.48 -76.82
N THR A 271 -6.28 18.09 -76.63
CA THR A 271 -7.14 18.53 -75.52
C THR A 271 -6.94 17.67 -74.27
N PRO A 272 -7.32 18.20 -73.11
CA PRO A 272 -7.38 17.39 -71.89
C PRO A 272 -8.04 16.03 -72.11
N GLU A 273 -9.25 16.00 -72.69
CA GLU A 273 -10.02 14.74 -72.75
C GLU A 273 -9.31 13.79 -73.74
N GLU A 274 -8.54 14.31 -74.69
CA GLU A 274 -7.75 13.45 -75.61
C GLU A 274 -6.63 12.71 -74.85
N LEU A 275 -6.06 13.31 -73.80
CA LEU A 275 -4.78 12.86 -73.21
C LEU A 275 -5.00 12.29 -71.80
N ASN A 276 -5.89 12.90 -71.02
CA ASN A 276 -5.90 12.68 -69.55
C ASN A 276 -6.21 11.21 -69.31
N PRO A 277 -5.66 10.58 -68.27
CA PRO A 277 -4.69 11.21 -67.38
C PRO A 277 -3.32 11.14 -68.03
N ILE A 278 -2.45 12.12 -67.80
CA ILE A 278 -1.11 12.16 -68.45
C ILE A 278 -0.30 11.04 -67.81
N ILE A 279 0.21 10.15 -68.62
CA ILE A 279 1.07 9.08 -68.07
C ILE A 279 2.44 9.66 -67.73
N VAL A 280 2.83 9.51 -66.45
CA VAL A 280 4.20 9.69 -65.88
C VAL A 280 4.93 8.34 -65.73
N THR A 281 6.20 8.31 -66.09
CA THR A 281 7.09 7.11 -66.15
C THR A 281 8.35 7.41 -65.36
N PRO A 282 8.63 6.62 -64.29
CA PRO A 282 7.73 5.61 -63.77
C PRO A 282 6.52 6.23 -63.10
N PRO A 283 5.53 5.44 -62.63
CA PRO A 283 4.42 6.01 -61.91
C PRO A 283 4.97 6.76 -60.69
N ILE A 284 4.36 7.90 -60.46
CA ILE A 284 4.46 8.63 -59.16
C ILE A 284 3.74 7.83 -58.09
N GLN A 285 4.47 7.57 -57.02
CA GLN A 285 4.06 6.75 -55.87
C GLN A 285 5.10 7.02 -54.77
N ALA A 286 4.61 7.15 -53.55
CA ALA A 286 5.46 7.29 -52.37
C ALA A 286 4.91 6.40 -51.28
N ILE A 287 5.79 5.87 -50.48
CA ILE A 287 5.43 5.11 -49.26
C ILE A 287 6.21 5.66 -48.05
N ASP A 288 5.68 5.37 -46.87
CA ASP A 288 6.32 5.73 -45.60
C ASP A 288 7.67 5.04 -45.48
N GLN A 289 8.72 5.77 -45.11
CA GLN A 289 10.01 5.12 -44.76
C GLN A 289 9.85 4.25 -43.50
N ASP A 290 8.78 4.42 -42.74
CA ASP A 290 8.54 3.62 -41.50
C ASP A 290 7.75 2.41 -41.96
N ARG A 291 8.40 1.28 -41.91
CA ARG A 291 7.88 0.04 -42.55
C ARG A 291 7.03 -0.78 -41.56
N ASN A 292 7.00 -0.42 -40.28
CA ASN A 292 6.44 -1.31 -39.25
C ASN A 292 5.75 -0.52 -38.14
N ILE A 293 5.11 0.61 -38.44
CA ILE A 293 4.20 1.30 -37.48
C ILE A 293 3.10 0.30 -37.11
N GLN A 294 2.95 0.04 -35.80
CA GLN A 294 1.79 -0.69 -35.24
C GLN A 294 1.07 0.24 -34.26
N PRO A 295 -0.27 0.18 -34.18
CA PRO A 295 -1.07 -0.66 -35.07
C PRO A 295 -1.22 0.01 -36.44
N PRO A 296 -1.75 -0.71 -37.43
CA PRO A 296 -2.04 -0.10 -38.73
C PRO A 296 -2.83 1.23 -38.65
N SER A 297 -3.73 1.43 -37.68
CA SER A 297 -4.59 2.65 -37.68
C SER A 297 -3.72 3.88 -37.38
N ASP A 298 -2.52 3.65 -36.87
CA ASP A 298 -1.54 4.72 -36.53
C ASP A 298 -0.75 5.10 -37.78
N ARG A 299 -1.02 4.46 -38.92
CA ARG A 299 -0.24 4.74 -40.15
C ARG A 299 -0.87 5.91 -40.88
N PRO A 300 -0.04 6.90 -41.22
CA PRO A 300 -0.52 8.01 -42.04
C PRO A 300 -0.73 7.70 -43.51
N GLY A 301 -1.61 8.47 -44.13
CA GLY A 301 -1.73 8.62 -45.59
C GLY A 301 -0.73 9.59 -46.13
N ILE A 302 -0.78 9.77 -47.45
CA ILE A 302 0.22 10.54 -48.25
C ILE A 302 -0.50 11.57 -49.10
N LEU A 303 -0.10 12.81 -49.00
CA LEU A 303 -0.59 13.89 -49.90
C LEU A 303 0.47 14.18 -50.97
N TYR A 304 0.02 14.14 -52.21
CA TYR A 304 0.82 14.54 -53.37
C TYR A 304 0.34 15.91 -53.79
N SER A 305 1.29 16.76 -54.13
CA SER A 305 1.06 18.11 -54.64
C SER A 305 2.20 18.51 -55.59
N ILE A 306 1.85 19.41 -56.51
CA ILE A 306 2.86 20.19 -57.29
C ILE A 306 3.21 21.38 -56.42
N LEU A 307 4.47 21.45 -55.94
CA LEU A 307 4.96 22.44 -54.95
C LEU A 307 5.30 23.75 -55.67
N VAL A 308 6.16 23.66 -56.68
CA VAL A 308 6.75 24.76 -57.49
C VAL A 308 7.00 24.22 -58.91
N GLY A 309 7.28 25.10 -59.86
CA GLY A 309 7.51 24.73 -61.27
C GLY A 309 8.05 25.88 -62.06
N THR A 310 8.70 25.60 -63.18
CA THR A 310 9.07 26.57 -64.25
C THR A 310 8.65 26.02 -65.62
N PRO A 311 8.12 26.85 -66.56
CA PRO A 311 7.62 28.21 -66.28
C PRO A 311 6.60 28.36 -65.15
N GLU A 312 6.36 29.58 -64.71
CA GLU A 312 5.58 29.86 -63.47
C GLU A 312 4.07 29.72 -63.66
N ASP A 313 3.59 29.62 -64.91
CA ASP A 313 2.14 29.46 -65.21
C ASP A 313 1.79 27.99 -65.44
N TYR A 314 2.55 27.07 -64.86
CA TYR A 314 2.17 25.63 -64.89
C TYR A 314 0.79 25.40 -64.27
N PRO A 315 0.25 26.25 -63.37
CA PRO A 315 -1.07 25.98 -62.80
C PRO A 315 -2.18 26.13 -63.83
N ARG A 316 -1.94 26.86 -64.92
CA ARG A 316 -2.95 26.95 -65.99
C ARG A 316 -3.19 25.54 -66.52
N PHE A 317 -2.14 24.74 -66.54
CA PHE A 317 -2.01 23.57 -67.41
C PHE A 317 -2.15 22.29 -66.60
N PHE A 318 -1.72 22.28 -65.33
CA PHE A 318 -1.52 21.01 -64.59
C PHE A 318 -2.23 21.07 -63.24
N HIS A 319 -2.97 19.99 -63.00
CA HIS A 319 -3.57 19.60 -61.71
C HIS A 319 -3.07 18.19 -61.36
N MET A 320 -2.74 18.00 -60.09
CA MET A 320 -2.32 16.71 -59.53
C MET A 320 -3.22 16.28 -58.38
N HIS A 321 -3.77 15.10 -58.48
CA HIS A 321 -4.71 14.54 -57.51
C HIS A 321 -3.99 14.28 -56.20
N PRO A 322 -4.52 14.81 -55.10
CA PRO A 322 -3.82 14.75 -53.82
C PRO A 322 -3.56 13.34 -53.27
N ARG A 323 -4.41 12.38 -53.59
CA ARG A 323 -4.31 11.03 -52.97
C ARG A 323 -3.69 10.02 -53.93
N THR A 324 -3.89 10.21 -55.24
CA THR A 324 -3.59 9.24 -56.33
C THR A 324 -2.49 9.78 -57.23
N ALA A 325 -2.12 11.05 -57.08
CA ALA A 325 -0.98 11.67 -57.78
C ALA A 325 -1.28 11.72 -59.29
N GLU A 326 -2.52 11.51 -59.71
CA GLU A 326 -2.87 11.58 -61.14
C GLU A 326 -2.64 12.99 -61.66
N LEU A 327 -2.01 13.07 -62.81
CA LEU A 327 -1.75 14.34 -63.52
C LEU A 327 -2.77 14.52 -64.61
N SER A 328 -3.34 15.72 -64.62
CA SER A 328 -4.37 16.25 -65.54
C SER A 328 -3.85 17.53 -66.21
N LEU A 329 -3.90 17.53 -67.53
CA LEU A 329 -3.83 18.72 -68.37
C LEU A 329 -5.16 19.47 -68.28
N LEU A 330 -5.08 20.77 -68.07
CA LEU A 330 -6.29 21.59 -67.87
C LEU A 330 -6.69 22.34 -69.15
N GLU A 331 -5.76 22.58 -70.09
CA GLU A 331 -6.07 23.18 -71.41
C GLU A 331 -4.95 22.90 -72.40
N PRO A 332 -5.24 22.91 -73.71
CA PRO A 332 -4.27 22.43 -74.70
C PRO A 332 -3.06 23.37 -74.70
N VAL A 333 -1.91 22.86 -75.08
CA VAL A 333 -0.59 23.52 -74.97
C VAL A 333 -0.14 23.93 -76.37
N ASN A 334 0.12 25.20 -76.58
CA ASN A 334 0.63 25.68 -77.89
C ASN A 334 2.14 25.74 -77.73
N ARG A 335 2.85 24.91 -78.47
CA ARG A 335 4.32 24.74 -78.31
C ARG A 335 5.03 26.02 -78.72
N ASP A 336 4.38 26.91 -79.47
CA ASP A 336 4.93 28.26 -79.77
C ASP A 336 5.21 28.97 -78.44
N PHE A 337 4.47 28.63 -77.37
CA PHE A 337 4.40 29.42 -76.12
C PHE A 337 5.01 28.67 -74.94
N HIS A 338 5.11 27.34 -75.05
CA HIS A 338 5.60 26.40 -73.99
C HIS A 338 6.26 25.21 -74.66
N GLN A 339 7.58 25.06 -74.47
CA GLN A 339 8.38 23.93 -75.00
C GLN A 339 8.44 22.80 -73.98
N LYS A 340 8.20 23.09 -72.72
CA LYS A 340 8.45 22.14 -71.61
C LYS A 340 8.07 22.70 -70.24
N PHE A 341 7.92 21.78 -69.29
CA PHE A 341 7.75 22.11 -67.86
C PHE A 341 8.71 21.28 -67.02
N ASP A 342 9.19 21.93 -65.97
CA ASP A 342 9.98 21.30 -64.89
C ASP A 342 9.35 21.65 -63.55
N LEU A 343 8.62 20.69 -62.98
CA LEU A 343 7.94 20.83 -61.69
C LEU A 343 8.65 20.03 -60.59
N VAL A 344 8.38 20.45 -59.36
CA VAL A 344 8.70 19.70 -58.12
C VAL A 344 7.43 19.20 -57.44
N ILE A 345 7.42 17.90 -57.21
CA ILE A 345 6.33 17.14 -56.58
C ILE A 345 6.71 16.95 -55.12
N LYS A 346 5.77 17.22 -54.22
CA LYS A 346 5.90 16.93 -52.78
C LYS A 346 5.06 15.70 -52.44
N ALA A 347 5.62 14.85 -51.59
CA ALA A 347 4.88 13.79 -50.88
C ALA A 347 5.06 13.90 -49.37
N GLU A 348 3.95 14.05 -48.65
CA GLU A 348 4.02 14.36 -47.21
C GLU A 348 2.99 13.50 -46.50
N GLN A 349 3.30 13.10 -45.27
CA GLN A 349 2.35 12.39 -44.39
C GLN A 349 1.19 13.36 -44.12
N ASP A 350 -0.04 12.86 -44.05
CA ASP A 350 -1.28 13.66 -43.85
C ASP A 350 -1.65 13.73 -42.37
N ASN A 351 -0.72 13.41 -41.45
CA ASN A 351 -1.02 13.19 -40.01
C ASN A 351 -0.48 14.33 -39.16
N GLY A 352 -0.27 15.52 -39.73
CA GLY A 352 0.25 16.66 -38.98
C GLY A 352 1.75 16.57 -38.70
N HIS A 353 2.43 15.53 -39.17
CA HIS A 353 3.89 15.43 -39.18
C HIS A 353 4.35 15.15 -40.62
N PRO A 354 4.32 16.23 -41.44
CA PRO A 354 4.35 16.08 -42.89
C PRO A 354 5.65 15.44 -43.38
N LEU A 355 6.80 15.80 -42.80
CA LEU A 355 8.15 15.26 -43.11
C LEU A 355 8.32 14.99 -44.58
N PRO A 356 8.25 16.00 -45.46
CA PRO A 356 8.06 15.73 -46.88
C PRO A 356 9.29 15.20 -47.64
N ALA A 357 9.03 14.39 -48.63
CA ALA A 357 9.94 14.04 -49.76
C ALA A 357 9.63 14.86 -51.03
N PHE A 358 10.64 14.96 -51.87
CA PHE A 358 10.54 15.77 -53.09
C PHE A 358 11.13 15.02 -54.28
N ALA A 359 10.47 15.19 -55.40
CA ALA A 359 10.91 14.60 -56.68
C ALA A 359 10.69 15.62 -57.78
N GLY A 360 11.50 15.50 -58.83
CA GLY A 360 11.32 16.21 -60.10
C GLY A 360 10.25 15.59 -60.98
N LEU A 361 9.56 16.41 -61.76
CA LEU A 361 8.70 15.94 -62.86
C LEU A 361 9.00 16.79 -64.08
N HIS A 362 9.55 16.17 -65.12
CA HIS A 362 9.87 16.84 -66.39
C HIS A 362 8.82 16.50 -67.41
N ILE A 363 8.27 17.52 -68.06
CA ILE A 363 7.22 17.37 -69.08
C ILE A 363 7.66 17.99 -70.40
N GLU A 364 7.88 17.15 -71.42
CA GLU A 364 8.11 17.54 -72.82
C GLU A 364 6.80 17.89 -73.49
N ILE A 365 6.78 19.05 -74.15
CA ILE A 365 5.74 19.36 -75.17
C ILE A 365 6.22 18.90 -76.54
N LEU A 366 5.43 18.03 -77.17
CA LEU A 366 5.77 17.41 -78.45
C LEU A 366 5.18 18.23 -79.60
N ASP A 367 5.99 18.36 -80.62
CA ASP A 367 5.66 19.10 -81.86
C ASP A 367 4.82 18.19 -82.77
N GLU A 368 3.72 18.72 -83.32
CA GLU A 368 2.71 17.96 -84.12
C GLU A 368 3.37 17.03 -85.17
N ASN A 369 4.58 17.35 -85.66
CA ASN A 369 5.28 16.67 -86.78
C ASN A 369 5.98 15.38 -86.30
N ASP B 6 -44.36 -14.55 44.46
CA ASP B 6 -44.61 -13.33 45.28
C ASP B 6 -43.45 -12.32 45.11
N TRP B 7 -42.99 -12.05 43.88
CA TRP B 7 -41.76 -11.23 43.64
C TRP B 7 -41.89 -10.35 42.40
N GLN B 8 -42.01 -9.03 42.60
CA GLN B 8 -42.00 -8.01 41.52
C GLN B 8 -40.71 -7.17 41.65
N TYR B 9 -39.60 -7.79 41.24
CA TYR B 9 -38.32 -7.13 40.91
C TYR B 9 -38.33 -6.65 39.44
N GLU B 10 -39.53 -6.61 38.84
CA GLU B 10 -39.72 -6.44 37.39
C GLU B 10 -39.54 -4.96 37.02
N ASP B 11 -39.93 -4.03 37.89
CA ASP B 11 -39.82 -2.59 37.58
C ASP B 11 -38.32 -2.27 37.43
N CYS B 12 -37.99 -1.54 36.36
CA CYS B 12 -36.62 -1.18 35.89
C CYS B 12 -36.00 -2.29 35.06
N LYS B 13 -36.82 -3.17 34.49
CA LYS B 13 -36.38 -4.25 33.56
C LYS B 13 -36.95 -4.03 32.15
N LEU B 14 -36.14 -4.25 31.11
CA LEU B 14 -36.57 -4.04 29.72
C LEU B 14 -37.86 -4.83 29.52
N ALA B 15 -38.90 -4.13 29.07
CA ALA B 15 -40.21 -4.66 28.60
C ALA B 15 -40.09 -5.17 27.18
N ARG B 16 -38.88 -5.11 26.59
CA ARG B 16 -38.59 -5.58 25.21
C ARG B 16 -37.65 -6.80 25.24
N ASP B 17 -37.56 -7.51 24.13
CA ASP B 17 -36.52 -8.55 23.89
C ASP B 17 -35.30 -7.89 23.23
N GLY B 18 -34.30 -8.70 22.88
CA GLY B 18 -33.04 -8.22 22.28
C GLY B 18 -31.99 -7.99 23.36
N PRO B 19 -30.72 -7.68 22.98
CA PRO B 19 -29.65 -7.52 23.95
C PRO B 19 -29.92 -6.34 24.85
N PRO B 20 -29.29 -6.32 26.05
CA PRO B 20 -29.48 -5.26 27.03
C PRO B 20 -29.27 -3.86 26.47
N ALA B 21 -28.24 -3.71 25.66
CA ALA B 21 -27.79 -2.42 25.13
C ALA B 21 -28.80 -1.92 24.10
N THR B 22 -29.22 -0.67 24.25
CA THR B 22 -30.05 0.01 23.22
C THR B 22 -29.15 0.73 22.24
N ILE B 23 -29.20 0.40 20.96
CA ILE B 23 -28.23 0.94 19.98
C ILE B 23 -28.96 1.56 18.81
N VAL B 24 -28.62 2.80 18.52
CA VAL B 24 -29.26 3.62 17.47
C VAL B 24 -28.14 4.30 16.69
N ALA B 25 -28.48 4.78 15.50
CA ALA B 25 -27.60 5.54 14.62
C ALA B 25 -28.29 6.84 14.21
N ILE B 26 -27.59 7.94 14.33
CA ILE B 26 -28.01 9.20 13.67
C ILE B 26 -26.92 9.80 12.77
N ASP B 27 -27.37 10.64 11.86
CA ASP B 27 -26.45 11.42 11.00
C ASP B 27 -25.71 12.39 11.90
N GLU B 28 -24.48 12.73 11.52
CA GLU B 28 -23.69 13.75 12.23
C GLU B 28 -24.37 15.10 12.00
N GLU B 29 -24.14 16.06 12.89
CA GLU B 29 -24.69 17.44 12.77
C GLU B 29 -26.22 17.36 12.62
N SER B 30 -26.88 16.44 13.32
CA SER B 30 -28.36 16.36 13.43
C SER B 30 -28.86 17.55 14.23
N ARG B 31 -30.06 18.02 13.93
CA ARG B 31 -30.61 19.26 14.55
C ARG B 31 -30.84 19.00 16.03
N ASN B 32 -30.78 20.07 16.80
CA ASN B 32 -31.02 20.01 18.25
C ASN B 32 -32.44 19.51 18.49
N GLY B 33 -32.67 18.62 19.44
CA GLY B 33 -34.02 18.09 19.76
C GLY B 33 -34.35 16.82 18.97
N THR B 34 -33.47 16.42 18.06
CA THR B 34 -33.50 15.10 17.39
C THR B 34 -33.77 14.01 18.43
N ILE B 35 -34.83 13.24 18.26
CA ILE B 35 -35.19 12.06 19.09
C ILE B 35 -34.14 10.98 18.86
N LEU B 36 -33.27 10.72 19.82
CA LEU B 36 -32.22 9.65 19.74
C LEU B 36 -32.88 8.30 20.03
N VAL B 37 -33.77 8.27 21.01
CA VAL B 37 -34.52 7.03 21.40
C VAL B 37 -35.96 7.41 21.71
N ASP B 38 -36.90 6.89 20.92
CA ASP B 38 -38.34 7.17 21.08
C ASP B 38 -38.86 6.66 22.44
N ASN B 39 -38.53 5.42 22.82
CA ASN B 39 -39.13 4.72 23.98
C ASN B 39 -38.16 3.64 24.45
N MET B 40 -37.61 3.81 25.66
CA MET B 40 -36.58 2.89 26.20
C MET B 40 -37.25 1.54 26.51
N LEU B 41 -38.57 1.52 26.68
CA LEU B 41 -39.38 0.30 26.97
C LEU B 41 -38.88 -0.35 28.26
N ILE B 42 -38.73 0.46 29.32
CA ILE B 42 -38.40 0.00 30.69
C ILE B 42 -39.70 -0.17 31.47
N LYS B 43 -40.00 -1.38 31.95
CA LYS B 43 -41.11 -1.67 32.88
C LYS B 43 -41.07 -0.67 34.05
N GLY B 44 -42.21 -0.06 34.38
CA GLY B 44 -42.32 0.86 35.53
C GLY B 44 -42.81 2.23 35.11
N THR B 45 -43.08 3.10 36.09
CA THR B 45 -43.68 4.45 35.94
C THR B 45 -42.82 5.43 36.74
N ALA B 46 -42.24 6.43 36.08
CA ALA B 46 -41.39 7.47 36.70
C ALA B 46 -42.25 8.66 37.11
N GLY B 47 -43.47 8.74 36.59
CA GLY B 47 -44.35 9.92 36.74
C GLY B 47 -45.60 9.58 37.53
N GLY B 48 -46.39 10.60 37.85
CA GLY B 48 -47.73 10.44 38.43
C GLY B 48 -47.70 10.65 39.94
N PRO B 49 -48.84 10.42 40.64
CA PRO B 49 -48.89 10.59 42.09
C PRO B 49 -47.92 9.68 42.86
N ASP B 50 -47.80 8.41 42.44
CA ASP B 50 -47.11 7.34 43.22
C ASP B 50 -46.17 6.55 42.32
N PRO B 51 -45.10 7.16 41.78
CA PRO B 51 -44.15 6.48 40.90
C PRO B 51 -43.49 5.22 41.50
N THR B 52 -43.12 4.25 40.67
CA THR B 52 -42.39 3.03 41.09
C THR B 52 -40.92 3.12 40.73
N ILE B 53 -40.56 4.06 39.87
CA ILE B 53 -39.15 4.16 39.43
C ILE B 53 -38.66 5.61 39.42
N GLU B 54 -37.32 5.69 39.37
CA GLU B 54 -36.52 6.89 39.03
C GLU B 54 -35.64 6.57 37.83
N LEU B 55 -35.68 7.51 36.88
CA LEU B 55 -34.83 7.55 35.67
C LEU B 55 -34.02 8.85 35.63
N SER B 56 -32.73 8.67 35.42
CA SER B 56 -31.76 9.76 35.20
C SER B 56 -30.64 9.27 34.29
N LEU B 57 -29.84 10.22 33.81
CA LEU B 57 -28.72 9.97 32.89
C LEU B 57 -27.41 10.04 33.66
N LYS B 58 -26.56 9.07 33.36
CA LYS B 58 -25.18 9.00 33.89
C LYS B 58 -24.16 8.88 32.75
N ASP B 59 -22.95 9.36 32.96
CA ASP B 59 -21.88 9.30 31.95
C ASP B 59 -22.34 10.07 30.73
N ASN B 60 -23.17 11.10 30.93
CA ASN B 60 -23.69 11.97 29.85
C ASN B 60 -22.62 13.04 29.58
N VAL B 61 -21.45 12.59 29.12
CA VAL B 61 -20.28 13.45 28.77
C VAL B 61 -20.71 14.58 27.84
N ASP B 62 -20.55 15.82 28.31
CA ASP B 62 -20.81 17.04 27.51
C ASP B 62 -22.31 17.12 27.20
N TYR B 63 -23.14 16.38 27.94
CA TYR B 63 -24.60 16.59 27.99
C TYR B 63 -25.16 16.63 26.56
N TRP B 64 -24.68 15.73 25.71
CA TRP B 64 -25.24 15.54 24.34
C TRP B 64 -26.68 15.06 24.44
N VAL B 65 -27.03 14.41 25.56
CA VAL B 65 -28.26 13.59 25.67
C VAL B 65 -29.14 14.12 26.80
N LEU B 66 -30.42 14.20 26.49
CA LEU B 66 -31.45 14.70 27.42
C LEU B 66 -32.64 13.74 27.40
N MET B 67 -33.19 13.53 28.59
CA MET B 67 -34.23 12.51 28.83
C MET B 67 -35.55 13.15 29.29
N ASP B 68 -36.65 12.69 28.70
CA ASP B 68 -38.00 12.80 29.32
C ASP B 68 -38.35 11.47 30.00
N PRO B 69 -38.29 11.40 31.36
CA PRO B 69 -38.38 10.13 32.07
C PRO B 69 -39.77 9.49 31.95
N VAL B 70 -40.81 10.31 31.84
CA VAL B 70 -42.20 9.80 31.72
C VAL B 70 -42.35 9.11 30.36
N LYS B 71 -41.88 9.78 29.28
CA LYS B 71 -42.02 9.28 27.88
C LYS B 71 -40.91 8.26 27.59
N GLN B 72 -39.97 8.09 28.52
CA GLN B 72 -38.74 7.27 28.32
C GLN B 72 -38.21 7.51 26.91
N MET B 73 -37.98 8.79 26.61
CA MET B 73 -37.49 9.31 25.32
C MET B 73 -36.22 10.14 25.54
N LEU B 74 -35.23 9.88 24.72
CA LEU B 74 -33.92 10.56 24.74
C LEU B 74 -33.85 11.50 23.55
N PHE B 75 -33.24 12.64 23.76
CA PHE B 75 -33.06 13.66 22.72
C PHE B 75 -31.60 14.10 22.62
N LEU B 76 -31.27 14.70 21.48
CA LEU B 76 -29.98 15.39 21.26
C LEU B 76 -30.10 16.83 21.76
N ASN B 77 -29.11 17.22 22.55
CA ASN B 77 -28.92 18.60 23.03
C ASN B 77 -27.77 19.23 22.26
N SER B 78 -28.04 19.95 21.20
CA SER B 78 -26.95 20.55 20.40
C SER B 78 -27.23 22.02 20.06
N THR B 79 -27.95 22.75 20.91
CA THR B 79 -27.94 24.25 20.94
C THR B 79 -26.51 24.77 21.15
N GLY B 80 -26.06 25.67 20.28
CA GLY B 80 -24.74 26.32 20.34
C GLY B 80 -23.64 25.43 19.81
N ARG B 81 -23.96 24.24 19.36
CA ARG B 81 -22.90 23.32 18.88
C ARG B 81 -23.39 22.56 17.67
N VAL B 82 -22.50 21.78 17.07
CA VAL B 82 -22.86 20.67 16.15
C VAL B 82 -22.22 19.37 16.62
N LEU B 83 -22.86 18.27 16.25
CA LEU B 83 -22.34 16.90 16.44
C LEU B 83 -21.49 16.52 15.23
N ASP B 84 -20.21 16.88 15.29
CA ASP B 84 -19.31 16.85 14.10
C ASP B 84 -18.51 15.55 14.16
N ARG B 85 -18.75 14.69 13.19
CA ARG B 85 -18.04 13.39 13.09
C ARG B 85 -16.66 13.61 12.48
N ASP B 86 -16.54 14.66 11.68
CA ASP B 86 -15.30 14.95 10.92
C ASP B 86 -14.29 15.61 11.84
N PRO B 87 -12.99 15.61 11.47
CA PRO B 87 -12.01 16.43 12.18
C PRO B 87 -12.44 17.89 12.10
N PRO B 88 -12.15 18.66 13.16
CA PRO B 88 -11.32 18.20 14.26
C PRO B 88 -12.07 17.64 15.48
N MET B 89 -13.40 17.67 15.49
CA MET B 89 -14.21 17.16 16.64
C MET B 89 -14.09 15.64 16.75
N ASN B 90 -14.32 14.93 15.65
CA ASN B 90 -14.15 13.45 15.53
C ASN B 90 -15.11 12.71 16.46
N ILE B 91 -16.37 13.09 16.57
CA ILE B 91 -17.35 12.36 17.43
C ILE B 91 -18.04 11.26 16.60
N HIS B 92 -17.51 10.04 16.71
CA HIS B 92 -17.99 8.84 15.98
C HIS B 92 -19.13 8.21 16.75
N SER B 93 -19.05 8.21 18.07
CA SER B 93 -20.16 7.69 18.89
C SER B 93 -20.32 8.43 20.23
N ILE B 94 -21.48 8.18 20.81
CA ILE B 94 -21.89 8.63 22.16
C ILE B 94 -22.40 7.42 22.92
N VAL B 95 -21.95 7.32 24.17
CA VAL B 95 -22.48 6.36 25.18
C VAL B 95 -22.94 7.11 26.42
N VAL B 96 -24.16 6.79 26.82
CA VAL B 96 -24.72 7.26 28.12
C VAL B 96 -25.35 6.07 28.81
N GLN B 97 -25.65 6.27 30.08
CA GLN B 97 -26.37 5.28 30.93
C GLN B 97 -27.70 5.86 31.40
N VAL B 98 -28.78 5.14 31.13
CA VAL B 98 -30.08 5.41 31.76
C VAL B 98 -30.11 4.58 33.02
N GLN B 99 -29.96 5.25 34.16
CA GLN B 99 -30.09 4.66 35.50
C GLN B 99 -31.56 4.57 35.87
N CYS B 100 -31.93 3.40 36.36
CA CYS B 100 -33.29 3.10 36.86
C CYS B 100 -33.23 2.54 38.27
N ILE B 101 -33.95 3.20 39.18
CA ILE B 101 -34.15 2.74 40.57
C ILE B 101 -35.55 2.14 40.70
N ASN B 102 -35.62 0.90 41.19
CA ASN B 102 -36.89 0.27 41.59
C ASN B 102 -37.13 0.70 43.02
N LYS B 103 -37.94 1.74 43.20
CA LYS B 103 -38.16 2.39 44.49
C LYS B 103 -38.60 1.37 45.54
N LYS B 104 -39.40 0.39 45.14
CA LYS B 104 -40.06 -0.57 46.08
C LYS B 104 -38.99 -1.49 46.68
N VAL B 105 -38.09 -2.05 45.87
CA VAL B 105 -37.12 -3.08 46.35
C VAL B 105 -35.71 -2.48 46.45
N GLY B 106 -35.52 -1.27 45.94
CA GLY B 106 -34.22 -0.57 45.92
C GLY B 106 -33.18 -1.25 45.04
N THR B 107 -33.60 -1.98 44.00
CA THR B 107 -32.66 -2.43 42.96
C THR B 107 -32.31 -1.24 42.06
N ILE B 108 -31.13 -1.40 41.47
CA ILE B 108 -30.51 -0.48 40.48
C ILE B 108 -30.25 -1.25 39.19
N ILE B 109 -30.74 -0.72 38.09
CA ILE B 109 -30.38 -1.24 36.75
C ILE B 109 -29.96 -0.08 35.86
N TYR B 110 -28.85 -0.31 35.16
CA TYR B 110 -28.32 0.61 34.13
C TYR B 110 -28.67 0.09 32.75
N HIS B 111 -29.34 0.93 31.96
CA HIS B 111 -29.62 0.66 30.54
C HIS B 111 -28.64 1.45 29.69
N GLU B 112 -27.75 0.72 29.03
CA GLU B 112 -26.69 1.33 28.19
C GLU B 112 -27.30 1.74 26.85
N VAL B 113 -27.11 3.00 26.50
CA VAL B 113 -27.47 3.55 25.18
C VAL B 113 -26.20 3.85 24.42
N ARG B 114 -26.13 3.32 23.19
CA ARG B 114 -25.02 3.57 22.25
C ARG B 114 -25.56 4.18 20.95
N ILE B 115 -25.11 5.40 20.65
CA ILE B 115 -25.57 6.21 19.50
C ILE B 115 -24.42 6.29 18.50
N VAL B 116 -24.56 5.56 17.42
CA VAL B 116 -23.57 5.59 16.31
C VAL B 116 -23.83 6.81 15.44
N VAL B 117 -22.80 7.64 15.27
CA VAL B 117 -22.91 8.92 14.54
C VAL B 117 -22.45 8.68 13.11
N ARG B 118 -23.38 8.71 12.15
CA ARG B 118 -23.07 8.37 10.74
C ARG B 118 -22.37 9.52 10.01
N ASP B 119 -21.47 9.20 9.07
CA ASP B 119 -20.82 10.23 8.24
C ASP B 119 -21.82 10.73 7.22
N ARG B 120 -21.83 12.04 6.98
CA ARG B 120 -22.61 12.71 5.91
C ARG B 120 -21.60 13.36 4.97
N ASN B 121 -22.00 13.67 3.73
CA ASN B 121 -21.02 14.17 2.75
C ASN B 121 -21.00 15.69 2.77
N ASP B 122 -20.56 16.25 3.89
CA ASP B 122 -20.69 17.71 4.23
C ASP B 122 -19.35 18.44 4.01
N ASN B 123 -18.38 17.78 3.39
CA ASN B 123 -17.07 18.40 3.04
C ASN B 123 -16.70 18.11 1.58
N SER B 124 -16.08 19.09 0.93
CA SER B 124 -15.67 19.07 -0.50
C SER B 124 -14.20 18.68 -0.57
N PRO B 125 -13.71 18.10 -1.68
CA PRO B 125 -12.28 17.82 -1.82
C PRO B 125 -11.58 19.18 -1.92
N THR B 126 -10.34 19.27 -1.46
CA THR B 126 -9.52 20.52 -1.54
C THR B 126 -8.11 20.21 -2.07
N PHE B 127 -7.67 20.93 -3.08
CA PHE B 127 -6.38 20.66 -3.74
C PHE B 127 -5.29 21.29 -2.90
N LYS B 128 -4.21 20.58 -2.67
CA LYS B 128 -3.06 21.12 -1.93
C LYS B 128 -2.55 22.41 -2.59
N HIS B 129 -2.45 22.49 -3.89
CA HIS B 129 -1.84 23.65 -4.57
C HIS B 129 -2.90 24.37 -5.41
N GLU B 130 -2.69 25.66 -5.62
CA GLU B 130 -3.62 26.51 -6.38
C GLU B 130 -3.63 26.10 -7.84
N SER B 131 -2.51 25.56 -8.28
CA SER B 131 -2.31 25.10 -9.67
C SER B 131 -1.04 24.24 -9.85
N TYR B 132 -1.02 23.54 -10.96
CA TYR B 132 -0.03 22.49 -11.27
C TYR B 132 0.63 22.75 -12.64
N TYR B 133 1.87 22.31 -12.76
CA TYR B 133 2.66 22.53 -13.98
C TYR B 133 3.40 21.26 -14.35
N ALA B 134 3.36 20.93 -15.62
CA ALA B 134 4.08 19.77 -16.19
C ALA B 134 4.74 20.19 -17.50
N THR B 135 5.73 19.40 -17.92
CA THR B 135 6.38 19.52 -19.25
C THR B 135 6.31 18.19 -20.01
N VAL B 136 5.95 18.25 -21.29
CA VAL B 136 6.03 17.05 -22.17
C VAL B 136 6.89 17.35 -23.42
N ASN B 137 8.00 16.64 -23.56
CA ASN B 137 8.73 16.54 -24.82
C ASN B 137 7.77 16.11 -25.93
N GLU B 138 7.87 16.77 -27.07
CA GLU B 138 6.86 16.66 -28.15
C GLU B 138 6.96 15.27 -28.80
N LEU B 139 8.02 14.50 -28.52
CA LEU B 139 8.26 13.19 -29.14
C LEU B 139 7.57 12.11 -28.32
N THR B 140 7.21 12.41 -27.07
CA THR B 140 6.56 11.45 -26.11
C THR B 140 5.45 10.64 -26.79
N PRO B 141 5.56 9.31 -26.87
CA PRO B 141 4.48 8.49 -27.39
C PRO B 141 3.12 8.69 -26.71
N VAL B 142 2.08 8.56 -27.53
CA VAL B 142 0.68 8.44 -27.06
C VAL B 142 0.59 7.24 -26.11
N GLY B 143 0.02 7.50 -24.93
CA GLY B 143 -0.10 6.51 -23.85
C GLY B 143 0.88 6.76 -22.70
N THR B 144 1.93 7.53 -22.89
CA THR B 144 2.91 7.78 -21.80
C THR B 144 2.22 8.55 -20.66
N THR B 145 2.57 8.23 -19.43
CA THR B 145 2.18 9.00 -18.25
C THR B 145 3.07 10.24 -18.20
N ILE B 146 2.46 11.42 -18.22
CA ILE B 146 3.20 12.69 -18.34
C ILE B 146 3.08 13.50 -17.06
N PHE B 147 2.23 13.07 -16.16
CA PHE B 147 1.96 13.75 -14.86
C PHE B 147 1.47 12.71 -13.85
N THR B 148 2.04 12.77 -12.65
CA THR B 148 1.62 11.98 -11.47
C THR B 148 1.63 12.90 -10.27
N GLY B 149 1.45 14.20 -10.54
CA GLY B 149 1.60 15.30 -9.57
C GLY B 149 0.56 15.23 -8.46
N PHE B 150 -0.51 14.47 -8.58
CA PHE B 150 -1.61 14.40 -7.59
C PHE B 150 -1.37 13.27 -6.59
N SER B 151 -0.23 12.60 -6.68
CA SER B 151 0.08 11.41 -5.85
C SER B 151 0.45 11.86 -4.45
N GLY B 152 0.11 11.04 -3.45
CA GLY B 152 0.59 11.17 -2.06
C GLY B 152 0.08 12.44 -1.43
N ASP B 153 -1.23 12.72 -1.50
CA ASP B 153 -1.83 13.89 -0.81
C ASP B 153 -1.30 15.23 -1.36
N ASN B 154 -0.79 15.24 -2.59
CA ASN B 154 -0.27 16.43 -3.28
C ASN B 154 -1.36 16.97 -4.22
N GLY B 155 -2.46 16.24 -4.35
CA GLY B 155 -3.63 16.64 -5.14
C GLY B 155 -4.76 17.06 -4.25
N ALA B 156 -5.92 16.41 -4.36
CA ALA B 156 -7.13 16.75 -3.60
C ALA B 156 -7.21 15.77 -2.44
N THR B 157 -7.69 16.23 -1.32
CA THR B 157 -8.08 15.32 -0.21
C THR B 157 -9.39 15.81 0.37
N ASP B 158 -10.13 14.90 1.00
CA ASP B 158 -11.49 15.18 1.49
C ASP B 158 -11.61 14.68 2.93
N ILE B 159 -12.00 15.58 3.85
CA ILE B 159 -11.90 15.27 5.29
C ILE B 159 -13.05 14.37 5.71
N ASP B 160 -14.04 14.08 4.85
CA ASP B 160 -15.11 13.08 5.15
C ASP B 160 -14.48 11.68 5.16
N ASP B 161 -15.28 10.65 5.46
CA ASP B 161 -14.82 9.26 5.70
C ASP B 161 -15.25 8.34 4.53
N GLY B 162 -14.49 7.28 4.24
CA GLY B 162 -14.87 6.25 3.25
C GLY B 162 -15.23 6.89 1.90
N PRO B 163 -16.28 6.41 1.20
CA PRO B 163 -16.62 6.97 -0.13
C PRO B 163 -16.82 8.49 -0.12
N ASN B 164 -17.21 9.06 1.02
CA ASN B 164 -17.49 10.51 1.10
C ASN B 164 -16.16 11.28 1.05
N GLY B 165 -15.06 10.60 1.36
CA GLY B 165 -13.72 11.21 1.33
C GLY B 165 -12.84 10.64 0.26
N GLN B 166 -13.34 9.65 -0.48
CA GLN B 166 -12.64 9.06 -1.65
C GLN B 166 -12.70 10.05 -2.79
N ILE B 167 -11.71 10.05 -3.66
CA ILE B 167 -11.56 11.10 -4.69
C ILE B 167 -11.27 10.45 -6.04
N GLU B 168 -12.02 10.93 -7.02
CA GLU B 168 -11.98 10.55 -8.44
C GLU B 168 -11.67 11.77 -9.29
N TYR B 169 -10.68 11.61 -10.17
CA TYR B 169 -10.11 12.72 -10.95
C TYR B 169 -10.58 12.64 -12.39
N VAL B 170 -11.14 13.73 -12.91
CA VAL B 170 -11.65 13.72 -14.30
C VAL B 170 -11.27 15.01 -14.97
N ILE B 171 -10.67 14.94 -16.14
CA ILE B 171 -10.33 16.10 -16.97
C ILE B 171 -11.60 16.63 -17.61
N GLN B 172 -11.80 17.95 -17.54
CA GLN B 172 -12.97 18.62 -18.15
C GLN B 172 -12.65 19.40 -19.45
N TYR B 173 -13.71 19.70 -20.19
CA TYR B 173 -13.65 20.58 -21.39
C TYR B 173 -13.31 21.97 -20.88
N ASN B 174 -12.27 22.55 -21.47
CA ASN B 174 -11.84 23.95 -21.21
C ASN B 174 -12.20 24.80 -22.42
N PRO B 175 -13.23 25.64 -22.33
CA PRO B 175 -13.59 26.54 -23.44
C PRO B 175 -12.45 27.49 -23.82
N ASP B 176 -11.63 27.89 -22.82
CA ASP B 176 -10.42 28.74 -23.01
C ASP B 176 -9.33 27.95 -23.74
N ASP B 177 -9.43 26.61 -23.81
CA ASP B 177 -8.45 25.71 -24.50
C ASP B 177 -9.12 24.40 -24.93
N PRO B 178 -9.95 24.45 -25.99
CA PRO B 178 -10.86 23.37 -26.32
C PRO B 178 -10.20 22.00 -26.55
N THR B 179 -8.93 21.96 -26.91
CA THR B 179 -8.28 20.72 -27.39
C THR B 179 -7.55 20.02 -26.24
N SER B 180 -7.46 20.66 -25.07
CA SER B 180 -6.75 20.15 -23.88
C SER B 180 -7.39 18.82 -23.47
N ASN B 181 -8.72 18.75 -23.46
CA ASN B 181 -9.43 17.63 -22.79
C ASN B 181 -9.48 16.49 -23.77
N ASP B 182 -8.80 16.71 -24.89
CA ASP B 182 -8.76 15.81 -26.05
C ASP B 182 -7.30 15.42 -26.33
N THR B 183 -6.34 16.06 -25.70
CA THR B 183 -4.91 15.72 -25.85
C THR B 183 -4.44 14.97 -24.59
N PHE B 184 -5.15 15.10 -23.45
CA PHE B 184 -4.74 14.51 -22.16
C PHE B 184 -5.94 13.83 -21.50
N GLU B 185 -5.68 12.76 -20.78
CA GLU B 185 -6.77 12.02 -20.11
C GLU B 185 -6.24 11.33 -18.85
N ILE B 186 -7.16 11.02 -17.95
CA ILE B 186 -6.91 10.28 -16.68
C ILE B 186 -7.58 8.93 -16.79
N PRO B 187 -6.93 7.93 -17.42
CA PRO B 187 -7.55 6.61 -17.62
C PRO B 187 -7.86 5.87 -16.31
N LEU B 188 -7.09 6.09 -15.24
CA LEU B 188 -7.41 5.52 -13.90
C LEU B 188 -7.74 6.68 -12.97
N MET B 189 -9.02 6.97 -12.73
CA MET B 189 -9.44 8.22 -12.05
C MET B 189 -9.08 8.20 -10.54
N LEU B 190 -9.03 7.08 -9.84
CA LEU B 190 -8.58 7.07 -8.41
C LEU B 190 -7.14 7.57 -8.29
N THR B 191 -6.29 7.42 -9.32
CA THR B 191 -4.86 7.84 -9.23
C THR B 191 -4.69 9.32 -9.64
N GLY B 192 -5.47 9.77 -10.62
CA GLY B 192 -5.35 11.13 -11.20
C GLY B 192 -4.02 11.29 -11.90
N ASN B 193 -3.42 10.18 -12.33
CA ASN B 193 -2.25 10.17 -13.24
C ASN B 193 -2.72 10.46 -14.65
N ILE B 194 -2.11 11.46 -15.28
CA ILE B 194 -2.52 11.97 -16.61
C ILE B 194 -1.60 11.41 -17.70
N VAL B 195 -2.24 10.90 -18.75
CA VAL B 195 -1.55 10.25 -19.88
C VAL B 195 -1.87 10.99 -21.18
N LEU B 196 -0.86 11.06 -22.03
CA LEU B 196 -1.00 11.73 -23.34
C LEU B 196 -1.91 10.91 -24.24
N ARG B 197 -2.92 11.55 -24.78
CA ARG B 197 -4.00 10.93 -25.59
C ARG B 197 -3.76 11.18 -27.08
N LYS B 198 -3.08 12.26 -27.41
CA LYS B 198 -2.83 12.70 -28.81
C LYS B 198 -1.39 13.12 -28.93
N ARG B 199 -0.81 12.93 -30.11
CA ARG B 199 0.59 13.29 -30.40
C ARG B 199 0.70 14.81 -30.41
N LEU B 200 1.75 15.34 -29.80
CA LEU B 200 2.06 16.81 -29.78
C LEU B 200 2.85 17.20 -31.03
N ASN B 201 2.73 18.45 -31.44
CA ASN B 201 3.62 19.08 -32.43
C ASN B 201 3.97 20.49 -31.95
N TYR B 202 5.21 20.69 -31.55
CA TYR B 202 5.71 21.96 -30.95
C TYR B 202 5.51 23.09 -31.95
N GLU B 203 5.42 22.74 -33.24
CA GLU B 203 5.26 23.70 -34.37
C GLU B 203 3.83 24.25 -34.38
N ASP B 204 2.90 23.63 -33.67
CA ASP B 204 1.45 23.89 -33.78
C ASP B 204 0.92 24.53 -32.51
N LYS B 205 1.39 24.03 -31.36
CA LYS B 205 0.84 24.35 -30.02
C LYS B 205 1.85 23.92 -28.98
N THR B 206 2.25 24.81 -28.08
CA THR B 206 3.30 24.53 -27.07
C THR B 206 2.77 24.64 -25.65
N ARG B 207 1.54 25.08 -25.49
CA ARG B 207 0.97 25.20 -24.15
C ARG B 207 -0.49 24.77 -24.19
N TYR B 208 -0.85 23.99 -23.20
CA TYR B 208 -2.22 23.49 -22.95
C TYR B 208 -2.68 23.87 -21.53
N PHE B 209 -3.98 24.08 -21.39
CA PHE B 209 -4.58 24.40 -20.08
C PHE B 209 -5.61 23.34 -19.76
N VAL B 210 -5.20 22.34 -18.98
CA VAL B 210 -6.07 21.19 -18.64
C VAL B 210 -6.84 21.55 -17.36
N ILE B 211 -8.19 21.57 -17.44
CA ILE B 211 -9.06 21.56 -16.23
C ILE B 211 -9.19 20.13 -15.72
N ILE B 212 -8.89 19.99 -14.43
CA ILE B 212 -9.07 18.72 -13.69
C ILE B 212 -10.09 18.96 -12.59
N GLN B 213 -11.08 18.07 -12.56
CA GLN B 213 -12.18 18.16 -11.57
C GLN B 213 -12.11 16.93 -10.68
N ALA B 214 -11.86 17.17 -9.40
CA ALA B 214 -11.90 16.19 -8.30
C ALA B 214 -13.32 16.09 -7.78
N ASN B 215 -13.77 14.87 -7.57
CA ASN B 215 -15.10 14.59 -7.00
C ASN B 215 -14.92 13.48 -5.96
N ASP B 216 -15.70 13.56 -4.91
CA ASP B 216 -15.82 12.49 -3.90
C ASP B 216 -16.88 11.50 -4.37
N ARG B 217 -16.98 10.37 -3.68
CA ARG B 217 -17.70 9.17 -4.15
C ARG B 217 -18.94 8.92 -3.29
N ALA B 218 -19.61 9.97 -2.87
CA ALA B 218 -20.91 9.87 -2.17
C ALA B 218 -21.76 8.80 -2.89
N GLN B 219 -22.47 7.92 -2.18
CA GLN B 219 -23.20 6.81 -2.82
C GLN B 219 -24.27 7.42 -3.74
N ASN B 220 -24.92 8.46 -3.25
CA ASN B 220 -25.98 9.18 -4.00
C ASN B 220 -25.30 10.20 -4.93
N LEU B 221 -25.40 10.02 -6.23
CA LEU B 221 -24.52 10.78 -7.17
C LEU B 221 -24.75 12.27 -6.99
N ASN B 222 -25.99 12.71 -6.69
CA ASN B 222 -26.35 14.15 -6.50
C ASN B 222 -25.50 14.74 -5.38
N GLU B 223 -25.09 13.92 -4.42
CA GLU B 223 -24.47 14.37 -3.15
C GLU B 223 -22.98 14.60 -3.34
N ARG B 224 -22.46 14.36 -4.52
CA ARG B 224 -21.01 14.42 -4.72
C ARG B 224 -20.62 15.89 -4.71
N ARG B 225 -19.52 16.17 -4.06
CA ARG B 225 -18.83 17.47 -4.07
C ARG B 225 -17.70 17.43 -5.08
N THR B 226 -17.35 18.58 -5.63
CA THR B 226 -16.42 18.69 -6.75
C THR B 226 -15.54 19.89 -6.48
N THR B 227 -14.32 19.81 -6.93
CA THR B 227 -13.39 20.95 -7.01
C THR B 227 -12.66 20.92 -8.35
N THR B 228 -12.25 22.06 -8.85
CA THR B 228 -11.37 22.08 -10.02
C THR B 228 -10.02 22.69 -9.67
N THR B 229 -9.03 22.33 -10.44
CA THR B 229 -7.73 22.98 -10.56
C THR B 229 -7.39 23.00 -12.04
N THR B 230 -6.32 23.72 -12.34
CA THR B 230 -5.70 23.85 -13.66
C THR B 230 -4.25 23.35 -13.60
N LEU B 231 -3.98 22.53 -14.62
CA LEU B 231 -2.65 22.02 -14.97
C LEU B 231 -2.26 22.62 -16.32
N THR B 232 -1.35 23.57 -16.25
CA THR B 232 -0.58 24.08 -17.41
C THR B 232 0.43 23.02 -17.79
N VAL B 233 0.40 22.64 -19.09
CA VAL B 233 1.40 21.76 -19.75
C VAL B 233 2.10 22.52 -20.88
N ASP B 234 3.42 22.58 -20.79
CA ASP B 234 4.28 23.12 -21.87
C ASP B 234 4.93 21.97 -22.61
N VAL B 235 4.80 22.00 -23.92
CA VAL B 235 5.54 21.13 -24.85
C VAL B 235 6.96 21.68 -24.96
N LEU B 236 7.95 20.80 -24.80
CA LEU B 236 9.35 21.03 -25.19
C LEU B 236 9.59 20.54 -26.62
N ASP B 237 10.20 21.40 -27.40
CA ASP B 237 10.68 21.13 -28.78
C ASP B 237 11.54 19.86 -28.77
N GLY B 238 11.21 18.90 -29.61
CA GLY B 238 11.92 17.63 -29.77
C GLY B 238 12.56 17.53 -31.14
N ASP B 239 13.56 16.68 -31.24
CA ASP B 239 14.35 16.51 -32.47
C ASP B 239 13.51 15.69 -33.43
N ASP B 240 12.42 16.26 -33.92
CA ASP B 240 11.57 15.63 -34.94
C ASP B 240 11.95 16.15 -36.33
N LEU B 241 12.77 17.18 -36.44
CA LEU B 241 13.03 17.81 -37.76
C LEU B 241 14.54 17.87 -37.97
N GLY B 242 14.94 17.85 -39.24
CA GLY B 242 16.33 18.02 -39.69
C GLY B 242 16.61 19.45 -40.18
N PRO B 243 17.82 19.64 -40.71
CA PRO B 243 18.21 20.89 -41.30
C PRO B 243 17.25 21.40 -42.36
N MET B 244 17.45 22.67 -42.69
CA MET B 244 16.89 23.34 -43.89
C MET B 244 18.02 24.12 -44.50
N PHE B 245 18.27 24.00 -45.79
CA PHE B 245 19.31 24.84 -46.41
C PHE B 245 18.82 26.26 -46.35
N LEU B 246 19.77 27.18 -46.45
CA LEU B 246 19.51 28.67 -46.36
C LEU B 246 20.00 29.35 -47.63
N PRO B 247 19.19 30.23 -48.22
CA PRO B 247 18.14 30.89 -47.49
C PRO B 247 16.89 30.07 -47.57
N CYS B 248 15.97 30.27 -46.68
CA CYS B 248 14.69 29.56 -46.69
C CYS B 248 13.56 30.52 -46.94
N VAL B 249 12.87 30.33 -48.05
CA VAL B 249 11.78 31.20 -48.55
C VAL B 249 10.56 30.31 -48.81
N LEU B 250 9.59 30.45 -47.92
CA LEU B 250 8.41 29.58 -47.83
C LEU B 250 7.69 29.60 -49.17
N VAL B 251 7.32 28.45 -49.65
CA VAL B 251 6.30 28.33 -50.75
C VAL B 251 4.97 28.83 -50.21
N PRO B 252 4.28 29.73 -50.93
CA PRO B 252 2.99 30.21 -50.45
C PRO B 252 2.08 29.07 -50.02
N ASN B 253 1.55 29.18 -48.81
CA ASN B 253 0.56 28.27 -48.18
C ASN B 253 1.21 26.97 -47.68
N THR B 254 2.52 26.95 -47.47
CA THR B 254 3.24 25.74 -47.01
C THR B 254 4.27 26.07 -45.95
N ARG B 255 4.77 25.02 -45.30
CA ARG B 255 5.88 25.07 -44.34
C ARG B 255 7.17 24.64 -45.05
N ASP B 256 7.17 24.59 -46.39
CA ASP B 256 8.33 24.10 -47.20
C ASP B 256 9.10 25.29 -47.77
N CYS B 257 10.42 25.33 -47.57
CA CYS B 257 11.34 26.23 -48.30
C CYS B 257 11.15 26.00 -49.80
N ARG B 258 11.13 27.05 -50.60
CA ARG B 258 11.38 26.94 -52.07
C ARG B 258 12.73 26.23 -52.26
N PRO B 259 12.81 25.16 -53.09
CA PRO B 259 14.08 24.48 -53.31
C PRO B 259 15.12 25.49 -53.79
N LEU B 260 16.36 25.24 -53.40
CA LEU B 260 17.54 26.05 -53.71
C LEU B 260 18.47 25.30 -54.67
N THR B 261 18.92 26.01 -55.68
CA THR B 261 20.09 25.65 -56.51
C THR B 261 21.20 26.65 -56.32
N TYR B 262 22.29 26.26 -55.69
CA TYR B 262 23.48 27.10 -55.50
C TYR B 262 24.21 27.21 -56.83
N GLN B 263 25.04 28.23 -56.95
CA GLN B 263 25.75 28.56 -58.21
C GLN B 263 27.23 28.77 -57.93
N ALA B 264 28.05 28.22 -58.76
CA ALA B 264 29.50 28.46 -58.80
C ALA B 264 29.93 28.56 -60.24
N ALA B 265 31.06 29.22 -60.48
CA ALA B 265 31.72 29.33 -61.80
C ALA B 265 33.21 29.35 -61.58
N ILE B 266 33.91 28.58 -62.38
CA ILE B 266 35.35 28.23 -62.22
C ILE B 266 36.06 28.47 -63.55
N PRO B 267 37.05 29.38 -63.59
CA PRO B 267 37.84 29.56 -64.79
C PRO B 267 38.57 28.27 -65.19
N GLU B 268 38.59 28.03 -66.48
CA GLU B 268 39.27 26.86 -67.04
C GLU B 268 40.78 27.10 -67.02
N LEU B 269 41.54 26.07 -66.63
CA LEU B 269 43.02 25.93 -66.71
C LEU B 269 43.72 26.66 -65.57
N ARG B 270 42.96 27.34 -64.71
CA ARG B 270 43.52 27.94 -63.47
C ARG B 270 43.68 26.82 -62.45
N THR B 271 44.68 26.94 -61.58
CA THR B 271 45.02 25.94 -60.55
C THR B 271 44.15 26.13 -59.32
N PRO B 272 43.98 25.04 -58.57
CA PRO B 272 43.40 25.08 -57.23
C PRO B 272 43.94 26.19 -56.33
N GLU B 273 45.27 26.41 -56.29
CA GLU B 273 45.92 27.34 -55.32
C GLU B 273 45.50 28.76 -55.71
N GLU B 274 45.33 29.05 -57.00
CA GLU B 274 44.82 30.36 -57.52
C GLU B 274 43.34 30.52 -57.16
N LEU B 275 42.52 29.46 -57.13
CA LEU B 275 41.03 29.57 -57.08
C LEU B 275 40.43 29.29 -55.69
N ASN B 276 41.05 28.45 -54.88
CA ASN B 276 40.37 27.90 -53.68
C ASN B 276 40.30 28.99 -52.61
N PRO B 277 39.23 29.06 -51.80
CA PRO B 277 38.08 28.18 -51.92
C PRO B 277 37.13 28.69 -52.98
N ILE B 278 36.42 27.79 -53.66
CA ILE B 278 35.42 28.17 -54.69
C ILE B 278 34.33 28.96 -53.98
N ILE B 279 34.12 30.21 -54.34
CA ILE B 279 32.96 30.98 -53.83
C ILE B 279 31.68 30.40 -54.45
N VAL B 280 30.65 30.19 -53.62
CA VAL B 280 29.30 29.73 -54.05
C VAL B 280 28.27 30.82 -53.69
N THR B 281 27.22 30.94 -54.49
CA THR B 281 26.16 31.98 -54.41
C THR B 281 24.77 31.37 -54.35
N PRO B 282 23.94 31.70 -53.33
CA PRO B 282 24.40 32.26 -52.07
C PRO B 282 25.34 31.30 -51.36
N PRO B 283 25.97 31.72 -50.23
CA PRO B 283 26.79 30.83 -49.42
C PRO B 283 26.01 29.60 -49.02
N ILE B 284 26.63 28.46 -49.16
CA ILE B 284 26.06 27.16 -48.68
C ILE B 284 26.04 27.13 -47.17
N GLN B 285 24.87 26.93 -46.59
CA GLN B 285 24.72 26.83 -45.14
C GLN B 285 23.34 26.25 -44.91
N ALA B 286 23.25 25.46 -43.87
CA ALA B 286 21.97 24.99 -43.29
C ALA B 286 21.86 25.24 -41.79
N ILE B 287 20.64 25.01 -41.32
CA ILE B 287 20.25 25.22 -39.89
C ILE B 287 19.15 24.22 -39.53
N ASP B 288 19.11 23.79 -38.28
CA ASP B 288 18.08 22.86 -37.77
C ASP B 288 16.74 23.52 -37.91
N GLN B 289 15.74 22.82 -38.32
CA GLN B 289 14.37 23.36 -38.37
C GLN B 289 13.82 23.40 -36.94
N ASP B 290 14.41 22.65 -36.02
CA ASP B 290 14.04 22.76 -34.59
C ASP B 290 14.65 24.05 -34.05
N ARG B 291 13.81 25.04 -33.76
CA ARG B 291 14.30 26.42 -33.48
C ARG B 291 14.67 26.52 -31.99
N ASN B 292 14.23 25.55 -31.13
CA ASN B 292 14.29 25.69 -29.65
C ASN B 292 14.51 24.34 -28.95
N ILE B 293 15.40 23.49 -29.47
CA ILE B 293 15.91 22.33 -28.67
C ILE B 293 16.58 22.88 -27.41
N GLN B 294 16.15 22.42 -26.24
CA GLN B 294 16.82 22.66 -24.94
C GLN B 294 17.14 21.30 -24.33
N PRO B 295 18.36 21.15 -23.77
CA PRO B 295 19.30 22.26 -23.60
C PRO B 295 20.23 22.35 -24.80
N PRO B 296 21.03 23.42 -24.92
CA PRO B 296 21.83 23.62 -26.14
C PRO B 296 22.80 22.45 -26.39
N SER B 297 23.23 21.76 -25.36
CA SER B 297 24.07 20.53 -25.50
C SER B 297 23.39 19.54 -26.47
N ASP B 298 22.06 19.38 -26.44
CA ASP B 298 21.31 18.36 -27.24
C ASP B 298 21.30 18.73 -28.73
N ARG B 299 21.80 19.89 -29.10
CA ARG B 299 21.63 20.39 -30.49
C ARG B 299 22.63 19.65 -31.38
N PRO B 300 22.17 18.92 -32.41
CA PRO B 300 23.11 18.16 -33.21
C PRO B 300 24.00 19.07 -34.06
N GLY B 301 25.17 18.57 -34.43
CA GLY B 301 26.00 19.10 -35.52
C GLY B 301 25.33 18.81 -36.83
N ILE B 302 25.85 19.41 -37.87
CA ILE B 302 25.35 19.30 -39.26
C ILE B 302 26.51 18.90 -40.17
N LEU B 303 26.31 17.80 -40.90
CA LEU B 303 27.29 17.29 -41.88
C LEU B 303 26.82 17.65 -43.28
N TYR B 304 27.78 18.15 -44.06
CA TYR B 304 27.59 18.60 -45.44
C TYR B 304 28.34 17.66 -46.37
N SER B 305 27.69 17.26 -47.43
CA SER B 305 28.32 16.38 -48.44
C SER B 305 27.73 16.64 -49.83
N ILE B 306 28.51 16.25 -50.85
CA ILE B 306 27.99 16.07 -52.22
C ILE B 306 27.38 14.66 -52.32
N LEU B 307 26.09 14.57 -52.58
CA LEU B 307 25.40 13.26 -52.58
C LEU B 307 25.64 12.57 -53.93
N VAL B 308 25.21 13.23 -55.00
CA VAL B 308 25.35 12.75 -56.39
C VAL B 308 25.73 13.94 -57.26
N GLY B 309 26.22 13.64 -58.46
CA GLY B 309 26.77 14.61 -59.38
C GLY B 309 26.77 14.08 -60.78
N THR B 310 26.47 14.93 -61.74
CA THR B 310 26.68 14.65 -63.17
C THR B 310 27.52 15.79 -63.72
N PRO B 311 28.51 15.53 -64.63
CA PRO B 311 29.03 14.19 -64.88
C PRO B 311 29.58 13.46 -63.62
N GLU B 312 29.80 12.17 -63.70
CA GLU B 312 30.04 11.34 -62.52
C GLU B 312 31.51 11.38 -62.14
N ASP B 313 32.35 12.19 -62.81
CA ASP B 313 33.80 12.24 -62.45
C ASP B 313 34.04 13.45 -61.53
N TYR B 314 32.98 14.06 -61.02
CA TYR B 314 33.09 15.27 -60.17
C TYR B 314 33.97 15.01 -58.96
N PRO B 315 34.04 13.78 -58.40
CA PRO B 315 34.99 13.49 -57.32
C PRO B 315 36.48 13.77 -57.65
N ARG B 316 36.83 13.85 -58.92
CA ARG B 316 38.21 14.14 -59.38
C ARG B 316 38.54 15.62 -59.17
N PHE B 317 37.52 16.49 -59.16
CA PHE B 317 37.70 17.95 -59.28
C PHE B 317 37.25 18.65 -58.03
N PHE B 318 36.31 18.08 -57.29
CA PHE B 318 35.59 18.79 -56.22
C PHE B 318 35.58 17.95 -54.96
N HIS B 319 35.84 18.65 -53.86
CA HIS B 319 35.75 18.17 -52.47
C HIS B 319 34.96 19.19 -51.69
N MET B 320 34.12 18.69 -50.79
CA MET B 320 33.32 19.52 -49.86
C MET B 320 33.66 19.20 -48.40
N HIS B 321 34.05 20.22 -47.66
CA HIS B 321 34.32 20.10 -46.22
C HIS B 321 33.05 19.69 -45.49
N PRO B 322 33.13 18.62 -44.69
CA PRO B 322 31.94 18.07 -44.06
C PRO B 322 31.33 18.95 -42.97
N ARG B 323 32.10 19.83 -42.33
CA ARG B 323 31.57 20.62 -41.19
C ARG B 323 31.18 22.04 -41.60
N THR B 324 31.79 22.56 -42.67
CA THR B 324 31.82 24.00 -43.03
C THR B 324 31.10 24.25 -44.35
N ALA B 325 31.03 23.21 -45.21
CA ALA B 325 30.48 23.18 -46.59
C ALA B 325 31.40 23.88 -47.58
N GLU B 326 32.63 24.23 -47.16
CA GLU B 326 33.66 24.80 -48.06
C GLU B 326 33.89 23.86 -49.24
N LEU B 327 33.80 24.42 -50.44
CA LEU B 327 34.04 23.71 -51.70
C LEU B 327 35.43 24.05 -52.21
N SER B 328 36.21 23.02 -52.51
CA SER B 328 37.56 23.22 -53.07
C SER B 328 37.79 22.35 -54.30
N LEU B 329 38.39 22.99 -55.29
CA LEU B 329 38.89 22.38 -56.55
C LEU B 329 40.18 21.62 -56.28
N LEU B 330 40.20 20.40 -56.79
CA LEU B 330 41.30 19.45 -56.58
C LEU B 330 42.28 19.40 -57.77
N GLU B 331 41.90 19.79 -58.99
CA GLU B 331 42.84 19.98 -60.14
C GLU B 331 42.19 20.88 -61.20
N PRO B 332 42.97 21.49 -62.12
CA PRO B 332 42.45 22.48 -63.05
C PRO B 332 41.52 21.80 -64.04
N VAL B 333 40.54 22.53 -64.57
CA VAL B 333 39.49 21.94 -65.45
C VAL B 333 39.74 22.44 -66.85
N ASN B 334 39.90 21.51 -67.78
CA ASN B 334 40.02 21.81 -69.22
C ASN B 334 38.60 21.81 -69.79
N ARG B 335 38.17 22.97 -70.25
CA ARG B 335 36.77 23.24 -70.66
C ARG B 335 36.48 22.49 -71.97
N ASP B 336 37.50 22.03 -72.68
CA ASP B 336 37.31 21.18 -73.88
C ASP B 336 36.72 19.83 -73.45
N PHE B 337 36.86 19.44 -72.17
CA PHE B 337 36.42 18.12 -71.66
C PHE B 337 35.20 18.28 -70.73
N HIS B 338 35.10 19.40 -70.02
CA HIS B 338 34.12 19.65 -68.93
C HIS B 338 33.61 21.09 -69.02
N GLN B 339 32.36 21.28 -69.42
CA GLN B 339 31.69 22.61 -69.51
C GLN B 339 30.97 22.89 -68.21
N LYS B 340 30.62 21.87 -67.45
CA LYS B 340 29.81 22.11 -66.24
C LYS B 340 29.60 20.85 -65.39
N PHE B 341 29.21 21.11 -64.14
CA PHE B 341 28.75 20.10 -63.18
C PHE B 341 27.40 20.50 -62.60
N ASP B 342 26.62 19.46 -62.33
CA ASP B 342 25.31 19.54 -61.62
C ASP B 342 25.33 18.58 -60.44
N LEU B 343 25.47 19.11 -59.24
CA LEU B 343 25.53 18.27 -58.04
C LEU B 343 24.22 18.41 -57.24
N VAL B 344 23.94 17.40 -56.44
CA VAL B 344 23.06 17.52 -55.25
C VAL B 344 23.95 17.53 -54.01
N ILE B 345 23.70 18.51 -53.16
CA ILE B 345 24.27 18.67 -51.81
C ILE B 345 23.33 18.06 -50.78
N LYS B 346 23.92 17.58 -49.70
CA LYS B 346 23.17 17.07 -48.53
C LYS B 346 23.60 17.79 -47.24
N ALA B 347 22.62 18.12 -46.41
CA ALA B 347 22.86 18.47 -44.99
C ALA B 347 22.06 17.57 -44.07
N GLU B 348 22.73 16.89 -43.16
CA GLU B 348 22.07 15.97 -42.23
C GLU B 348 22.63 16.16 -40.84
N GLN B 349 21.78 15.97 -39.85
CA GLN B 349 22.19 16.00 -38.42
C GLN B 349 23.23 14.89 -38.17
N ASP B 350 24.14 15.08 -37.21
CA ASP B 350 25.27 14.17 -36.90
C ASP B 350 25.01 13.35 -35.62
N ASN B 351 23.75 13.27 -35.19
CA ASN B 351 23.32 12.62 -33.90
C ASN B 351 22.67 11.27 -34.16
N GLY B 352 22.88 10.68 -35.33
CA GLY B 352 22.31 9.38 -35.68
C GLY B 352 20.89 9.46 -36.09
N HIS B 353 20.38 10.67 -36.29
CA HIS B 353 18.99 10.93 -36.71
C HIS B 353 19.06 11.95 -37.85
N PRO B 354 19.65 11.59 -39.00
CA PRO B 354 20.12 12.59 -39.99
C PRO B 354 19.03 13.54 -40.53
N LEU B 355 17.87 13.02 -40.90
CA LEU B 355 16.71 13.78 -41.41
C LEU B 355 17.18 14.79 -42.44
N PRO B 356 17.84 14.32 -43.51
CA PRO B 356 18.65 15.19 -44.36
C PRO B 356 17.84 16.21 -45.17
N ALA B 357 18.53 17.27 -45.55
CA ALA B 357 18.06 18.28 -46.50
C ALA B 357 18.96 18.23 -47.71
N PHE B 358 18.39 18.59 -48.85
CA PHE B 358 19.06 18.49 -50.16
C PHE B 358 18.93 19.81 -50.90
N ALA B 359 20.01 20.20 -51.57
CA ALA B 359 20.02 21.38 -52.43
C ALA B 359 20.78 21.08 -53.69
N GLY B 360 20.53 21.88 -54.73
CA GLY B 360 21.21 21.81 -56.02
C GLY B 360 22.48 22.59 -55.92
N LEU B 361 23.54 22.14 -56.55
CA LEU B 361 24.73 23.00 -56.80
C LEU B 361 25.14 22.94 -58.26
N HIS B 362 24.97 24.03 -58.98
CA HIS B 362 25.37 24.13 -60.40
C HIS B 362 26.73 24.79 -60.45
N ILE B 363 27.64 24.18 -61.22
CA ILE B 363 29.00 24.73 -61.45
C ILE B 363 29.26 24.93 -62.94
N GLU B 364 29.57 26.17 -63.32
CA GLU B 364 29.88 26.53 -64.70
C GLU B 364 31.39 26.50 -64.84
N ILE B 365 31.88 25.99 -65.94
CA ILE B 365 33.30 26.17 -66.33
C ILE B 365 33.34 27.27 -67.39
N LEU B 366 34.23 28.23 -67.19
CA LEU B 366 34.35 29.41 -68.05
C LEU B 366 35.57 29.27 -68.93
N ASP B 367 35.39 29.66 -70.17
CA ASP B 367 36.44 29.67 -71.21
C ASP B 367 37.45 30.74 -70.87
N GLU B 368 38.69 30.58 -71.31
CA GLU B 368 39.72 31.64 -71.23
C GLU B 368 39.19 32.84 -72.04
N ASN B 369 39.44 34.07 -71.58
CA ASN B 369 38.89 35.30 -72.21
C ASN B 369 37.35 35.25 -72.22
N ASP B 370 36.76 35.16 -71.02
CA ASP B 370 35.30 35.27 -70.77
C ASP B 370 35.04 36.59 -70.04
N VAL C 3 -14.84 4.58 -19.95
CA VAL C 3 -14.93 4.76 -18.47
C VAL C 3 -15.38 3.42 -17.85
N ASN C 4 -14.61 2.92 -16.88
CA ASN C 4 -15.01 1.80 -15.98
C ASN C 4 -15.75 2.39 -14.77
N ARG C 5 -16.86 1.75 -14.40
CA ARG C 5 -17.72 2.15 -13.26
C ARG C 5 -17.34 1.31 -12.04
N LEU C 6 -16.77 1.95 -11.02
CA LEU C 6 -16.18 1.28 -9.85
C LEU C 6 -17.30 0.69 -9.01
N PRO C 7 -17.09 -0.52 -8.47
CA PRO C 7 -18.10 -1.14 -7.62
C PRO C 7 -18.40 -0.45 -6.29
N PHE C 8 -19.55 -0.75 -5.73
CA PHE C 8 -19.98 -0.21 -4.43
C PHE C 8 -20.69 -1.31 -3.67
N PHE C 9 -20.47 -1.30 -2.36
CA PHE C 9 -21.22 -2.12 -1.37
C PHE C 9 -22.66 -1.64 -1.17
N THR C 10 -23.53 -2.61 -0.92
CA THR C 10 -25.01 -2.44 -0.92
C THR C 10 -25.64 -2.91 0.39
N ASN C 11 -24.87 -3.58 1.26
CA ASN C 11 -25.38 -4.00 2.58
C ASN C 11 -25.94 -2.81 3.37
N HIS C 12 -27.06 -2.99 4.07
CA HIS C 12 -27.66 -1.97 4.97
C HIS C 12 -26.67 -1.51 6.04
N PHE C 13 -25.78 -2.39 6.49
CA PHE C 13 -25.00 -2.14 7.74
C PHE C 13 -23.90 -1.10 7.50
N PHE C 14 -23.56 -0.74 6.27
CA PHE C 14 -22.59 0.36 6.07
C PHE C 14 -23.27 1.65 6.55
N ASP C 15 -24.58 1.72 6.37
CA ASP C 15 -25.40 2.90 6.71
C ASP C 15 -25.71 2.94 8.22
N GLU C 16 -25.77 1.80 8.92
CA GLU C 16 -26.22 1.76 10.36
C GLU C 16 -25.21 1.16 11.33
N TYR C 17 -25.13 -0.16 11.35
CA TYR C 17 -24.06 -0.91 12.05
C TYR C 17 -24.36 -2.39 11.98
N LEU C 18 -23.33 -3.18 12.26
CA LEU C 18 -23.46 -4.65 12.38
C LEU C 18 -23.33 -5.07 13.84
N LEU C 19 -24.34 -5.78 14.31
CA LEU C 19 -24.41 -6.32 15.68
C LEU C 19 -24.01 -7.78 15.67
N ILE C 20 -22.94 -8.13 16.38
CA ILE C 20 -22.53 -9.54 16.58
C ILE C 20 -22.45 -9.85 18.08
N SER C 21 -23.21 -10.86 18.50
CA SER C 21 -23.33 -11.29 19.89
C SER C 21 -21.97 -11.79 20.29
N GLU C 22 -21.56 -11.53 21.52
CA GLU C 22 -20.20 -11.86 21.99
C GLU C 22 -20.02 -13.39 22.06
N ASP C 23 -21.12 -14.16 22.18
CA ASP C 23 -21.05 -15.65 22.38
C ASP C 23 -21.19 -16.37 21.04
N THR C 24 -21.06 -15.64 19.93
CA THR C 24 -20.96 -16.22 18.56
C THR C 24 -19.77 -17.17 18.54
N PRO C 25 -19.94 -18.44 18.08
CA PRO C 25 -18.85 -19.40 18.03
C PRO C 25 -17.78 -18.96 17.03
N VAL C 26 -16.50 -19.18 17.36
CA VAL C 26 -15.33 -18.90 16.48
C VAL C 26 -15.51 -19.75 15.21
N GLY C 27 -15.21 -19.19 14.04
CA GLY C 27 -15.28 -19.87 12.74
C GLY C 27 -16.68 -19.84 12.15
N SER C 28 -17.63 -19.17 12.81
CA SER C 28 -18.99 -18.90 12.29
C SER C 28 -18.96 -17.73 11.30
N SER C 29 -19.95 -17.67 10.40
CA SER C 29 -20.07 -16.62 9.37
C SER C 29 -21.03 -15.52 9.85
N VAL C 30 -20.49 -14.35 10.21
CA VAL C 30 -21.22 -13.19 10.79
C VAL C 30 -22.14 -12.57 9.75
N THR C 31 -21.66 -12.49 8.51
CA THR C 31 -22.39 -11.79 7.44
C THR C 31 -21.72 -12.08 6.09
N GLN C 32 -22.33 -11.64 5.01
CA GLN C 32 -21.74 -11.71 3.66
C GLN C 32 -21.79 -10.35 2.99
N LEU C 33 -20.64 -9.85 2.55
CA LEU C 33 -20.49 -8.59 1.82
C LEU C 33 -21.22 -8.70 0.48
N LEU C 34 -21.90 -7.63 0.12
CA LEU C 34 -22.66 -7.53 -1.14
C LEU C 34 -22.29 -6.25 -1.87
N ALA C 35 -21.93 -6.37 -3.14
CA ALA C 35 -21.54 -5.22 -3.97
C ALA C 35 -22.26 -5.24 -5.31
N ARG C 36 -22.15 -4.14 -6.03
CA ARG C 36 -22.66 -4.00 -7.41
C ARG C 36 -21.56 -3.37 -8.26
N ASP C 37 -21.32 -3.98 -9.43
CA ASP C 37 -20.51 -3.41 -10.53
C ASP C 37 -21.35 -3.29 -11.79
N MET C 38 -21.41 -2.07 -12.32
CA MET C 38 -22.24 -1.72 -13.50
C MET C 38 -21.72 -2.46 -14.76
N ASP C 39 -20.41 -2.69 -14.84
CA ASP C 39 -19.74 -3.42 -15.95
C ASP C 39 -19.90 -4.93 -15.75
N ASN C 40 -20.50 -5.36 -14.64
CA ASN C 40 -20.51 -6.77 -14.18
C ASN C 40 -19.12 -7.44 -14.34
N ASP C 41 -18.03 -6.67 -14.18
CA ASP C 41 -16.68 -7.18 -13.83
C ASP C 41 -16.76 -8.20 -12.69
N PRO C 42 -15.86 -9.20 -12.66
CA PRO C 42 -15.65 -9.97 -11.44
C PRO C 42 -15.11 -9.12 -10.29
N LEU C 43 -15.51 -9.50 -9.07
CA LEU C 43 -15.35 -8.72 -7.83
C LEU C 43 -14.69 -9.57 -6.77
N VAL C 44 -13.74 -8.93 -6.10
CA VAL C 44 -12.83 -9.50 -5.07
C VAL C 44 -12.97 -8.70 -3.78
N PHE C 45 -13.17 -9.44 -2.68
CA PHE C 45 -13.54 -8.95 -1.34
C PHE C 45 -12.42 -9.26 -0.33
N GLY C 46 -12.09 -8.24 0.45
CA GLY C 46 -11.09 -8.35 1.52
C GLY C 46 -11.36 -7.52 2.76
N VAL C 47 -10.39 -7.59 3.67
CA VAL C 47 -10.37 -6.91 4.98
C VAL C 47 -9.08 -6.11 5.08
N SER C 48 -9.20 -4.96 5.73
CA SER C 48 -8.14 -3.92 5.86
C SER C 48 -7.89 -3.61 7.33
N GLY C 49 -6.63 -3.73 7.74
CA GLY C 49 -6.20 -3.42 9.10
C GLY C 49 -5.50 -4.58 9.80
N GLU C 50 -4.45 -4.26 10.57
CA GLU C 50 -3.71 -5.15 11.50
C GLU C 50 -4.70 -5.89 12.40
N GLU C 51 -5.51 -5.16 13.17
CA GLU C 51 -6.33 -5.75 14.27
C GLU C 51 -7.54 -6.44 13.67
N ALA C 52 -8.11 -5.83 12.64
CA ALA C 52 -9.34 -6.31 11.97
C ALA C 52 -9.05 -7.68 11.35
N SER C 53 -7.89 -7.79 10.72
CA SER C 53 -7.48 -8.97 9.93
C SER C 53 -7.55 -10.20 10.80
N ARG C 54 -7.05 -10.09 12.04
CA ARG C 54 -7.04 -11.19 13.00
C ARG C 54 -8.45 -11.64 13.32
N PHE C 55 -9.36 -10.70 13.54
CA PHE C 55 -10.71 -11.01 14.05
C PHE C 55 -11.54 -11.66 12.96
N PHE C 56 -11.37 -11.21 11.73
CA PHE C 56 -12.28 -11.55 10.62
C PHE C 56 -11.48 -11.99 9.39
N ALA C 57 -12.13 -12.91 8.68
CA ALA C 57 -11.72 -13.49 7.39
C ALA C 57 -12.87 -13.31 6.41
N VAL C 58 -12.50 -13.03 5.17
CA VAL C 58 -13.44 -12.72 4.06
C VAL C 58 -13.13 -13.62 2.87
N GLU C 59 -14.16 -14.29 2.40
CA GLU C 59 -14.09 -15.19 1.22
C GLU C 59 -14.21 -14.35 -0.04
N PRO C 60 -13.20 -14.41 -0.94
CA PRO C 60 -13.07 -13.43 -2.01
C PRO C 60 -14.10 -13.48 -3.16
N ASP C 61 -14.60 -14.66 -3.54
CA ASP C 61 -15.58 -14.76 -4.66
C ASP C 61 -16.93 -14.19 -4.23
N THR C 62 -17.41 -14.58 -3.04
CA THR C 62 -18.78 -14.26 -2.54
C THR C 62 -18.71 -13.13 -1.51
N GLY C 63 -17.69 -13.14 -0.64
CA GLY C 63 -17.52 -12.14 0.43
C GLY C 63 -18.21 -12.56 1.72
N VAL C 64 -18.33 -13.87 1.96
CA VAL C 64 -18.67 -14.42 3.30
C VAL C 64 -17.57 -14.04 4.29
N VAL C 65 -18.02 -13.49 5.41
CA VAL C 65 -17.16 -13.04 6.53
C VAL C 65 -17.31 -14.02 7.68
N TRP C 66 -16.15 -14.44 8.19
CA TRP C 66 -15.95 -15.44 9.27
C TRP C 66 -15.24 -14.84 10.47
N LEU C 67 -15.64 -15.32 11.65
CA LEU C 67 -15.06 -14.88 12.94
C LEU C 67 -13.89 -15.78 13.30
N ARG C 68 -12.73 -15.16 13.52
CA ARG C 68 -11.44 -15.88 13.71
C ARG C 68 -11.08 -15.88 15.20
N GLN C 69 -11.52 -14.89 15.96
CA GLN C 69 -11.08 -14.77 17.37
C GLN C 69 -12.28 -14.58 18.29
N PRO C 70 -12.24 -15.15 19.52
CA PRO C 70 -13.30 -14.97 20.52
C PRO C 70 -13.57 -13.48 20.76
N LEU C 71 -14.84 -13.06 20.72
CA LEU C 71 -15.27 -11.70 21.14
C LEU C 71 -15.59 -11.72 22.63
N ASP C 72 -15.33 -10.61 23.33
CA ASP C 72 -15.73 -10.39 24.74
C ASP C 72 -16.21 -8.96 24.90
N ARG C 73 -17.53 -8.77 24.98
CA ARG C 73 -18.20 -7.47 25.23
C ARG C 73 -17.54 -6.76 26.42
N GLU C 74 -17.07 -7.52 27.42
CA GLU C 74 -16.55 -6.97 28.70
C GLU C 74 -15.14 -6.43 28.49
N THR C 75 -14.50 -6.79 27.38
CA THR C 75 -13.17 -6.30 26.96
C THR C 75 -13.33 -5.11 26.01
N LYS C 76 -13.80 -5.37 24.78
CA LYS C 76 -14.11 -4.34 23.77
C LYS C 76 -15.54 -4.57 23.26
N SER C 77 -16.42 -3.60 23.47
CA SER C 77 -17.86 -3.66 23.11
C SER C 77 -18.07 -3.35 21.63
N GLU C 78 -17.11 -2.72 20.97
CA GLU C 78 -17.33 -2.26 19.58
C GLU C 78 -16.03 -1.83 18.90
N PHE C 79 -15.98 -1.96 17.59
CA PHE C 79 -14.82 -1.50 16.79
C PHE C 79 -15.16 -1.30 15.33
N THR C 80 -14.30 -0.51 14.68
CA THR C 80 -14.39 -0.19 13.24
C THR C 80 -13.51 -1.15 12.46
N VAL C 81 -14.10 -1.69 11.41
CA VAL C 81 -13.46 -2.62 10.45
C VAL C 81 -13.69 -2.10 9.04
N GLU C 82 -12.60 -2.03 8.28
CA GLU C 82 -12.65 -1.59 6.87
C GLU C 82 -12.65 -2.81 5.94
N PHE C 83 -13.68 -2.92 5.12
CA PHE C 83 -13.80 -3.97 4.09
C PHE C 83 -13.55 -3.33 2.73
N SER C 84 -13.09 -4.15 1.80
CA SER C 84 -12.73 -3.73 0.43
C SER C 84 -13.41 -4.61 -0.62
N VAL C 85 -13.75 -3.98 -1.73
CA VAL C 85 -14.17 -4.66 -2.98
C VAL C 85 -13.42 -4.04 -4.14
N SER C 86 -12.94 -4.88 -5.02
CA SER C 86 -12.14 -4.47 -6.20
C SER C 86 -12.65 -5.19 -7.45
N ASP C 87 -12.78 -4.41 -8.51
CA ASP C 87 -13.16 -4.89 -9.87
C ASP C 87 -11.92 -5.04 -10.76
N HIS C 88 -10.71 -5.01 -10.18
CA HIS C 88 -9.39 -5.21 -10.84
C HIS C 88 -8.95 -4.01 -11.68
N GLN C 89 -9.77 -2.96 -11.77
CA GLN C 89 -9.34 -1.59 -12.15
C GLN C 89 -8.91 -0.83 -10.90
N GLY C 90 -9.70 -0.95 -9.85
CA GLY C 90 -9.53 -0.19 -8.62
C GLY C 90 -10.12 -0.89 -7.43
N VAL C 91 -9.52 -0.62 -6.27
CA VAL C 91 -9.99 -1.10 -4.95
C VAL C 91 -10.71 0.04 -4.22
N ILE C 92 -11.88 -0.34 -3.71
CA ILE C 92 -12.89 0.53 -3.04
C ILE C 92 -13.13 0.01 -1.62
N THR C 93 -12.95 0.89 -0.64
CA THR C 93 -12.94 0.50 0.79
C THR C 93 -13.98 1.31 1.58
N ARG C 94 -14.62 0.59 2.47
CA ARG C 94 -15.74 1.12 3.26
C ARG C 94 -15.64 0.50 4.64
N LYS C 95 -15.87 1.33 5.65
CA LYS C 95 -15.80 0.93 7.06
C LYS C 95 -17.20 0.56 7.54
N VAL C 96 -17.29 -0.55 8.25
CA VAL C 96 -18.50 -0.88 9.03
C VAL C 96 -18.19 -0.69 10.52
N ASN C 97 -19.12 -0.05 11.20
CA ASN C 97 -19.22 -0.05 12.67
C ASN C 97 -19.69 -1.42 13.12
N ILE C 98 -18.95 -2.04 14.03
CA ILE C 98 -19.32 -3.37 14.61
C ILE C 98 -19.52 -3.23 16.12
N GLN C 99 -20.72 -3.56 16.59
CA GLN C 99 -21.17 -3.40 17.99
C GLN C 99 -21.33 -4.77 18.66
N VAL C 100 -20.36 -5.17 19.47
CA VAL C 100 -20.49 -6.45 20.20
C VAL C 100 -21.73 -6.42 21.11
N GLY C 101 -22.67 -7.33 20.84
CA GLY C 101 -23.82 -7.56 21.72
C GLY C 101 -23.44 -8.25 23.02
N ASP C 102 -24.01 -7.79 24.13
CA ASP C 102 -23.77 -8.40 25.46
C ASP C 102 -24.62 -9.68 25.60
N VAL C 103 -24.03 -10.73 26.14
CA VAL C 103 -24.80 -11.80 26.83
C VAL C 103 -24.39 -11.76 28.29
N ASN C 104 -25.25 -12.30 29.15
CA ASN C 104 -24.98 -12.50 30.59
C ASN C 104 -23.99 -13.66 30.73
N ASP C 105 -22.73 -13.45 30.37
CA ASP C 105 -21.68 -14.50 30.44
C ASP C 105 -20.91 -14.40 31.76
N ASN C 106 -21.23 -13.49 32.69
CA ASN C 106 -20.38 -13.35 33.91
C ASN C 106 -21.21 -13.55 35.19
N ALA C 107 -20.80 -14.43 36.10
CA ALA C 107 -21.46 -14.57 37.42
C ALA C 107 -20.92 -13.48 38.34
N PRO C 108 -21.67 -13.12 39.39
CA PRO C 108 -21.24 -12.04 40.28
C PRO C 108 -19.98 -12.39 41.07
N THR C 109 -19.25 -11.39 41.53
CA THR C 109 -18.00 -11.65 42.28
C THR C 109 -17.99 -10.89 43.60
N PHE C 110 -17.86 -11.65 44.69
CA PHE C 110 -17.79 -11.14 46.07
C PHE C 110 -16.44 -10.47 46.30
N HIS C 111 -16.44 -9.41 47.08
CA HIS C 111 -15.16 -8.77 47.46
C HIS C 111 -14.93 -8.95 48.95
N ASN C 112 -13.68 -8.91 49.39
CA ASN C 112 -13.29 -9.14 50.79
C ASN C 112 -13.76 -10.53 51.24
N GLN C 113 -13.04 -11.56 50.81
CA GLN C 113 -13.46 -12.96 51.08
C GLN C 113 -13.37 -13.31 52.57
N PRO C 114 -12.43 -12.78 53.40
CA PRO C 114 -12.52 -13.07 54.83
C PRO C 114 -13.77 -12.41 55.40
N TYR C 115 -14.90 -13.10 55.24
CA TYR C 115 -16.22 -12.60 55.65
C TYR C 115 -16.57 -13.18 57.01
N SER C 116 -16.31 -12.46 58.10
CA SER C 116 -16.65 -12.99 59.43
C SER C 116 -16.79 -11.85 60.43
N VAL C 117 -17.66 -12.06 61.40
CA VAL C 117 -17.93 -11.01 62.40
C VAL C 117 -18.50 -11.76 63.57
N ARG C 118 -18.21 -11.28 64.77
CA ARG C 118 -18.72 -11.88 66.02
C ARG C 118 -19.31 -10.78 66.90
N ILE C 119 -20.51 -11.05 67.38
CA ILE C 119 -21.37 -10.08 68.11
C ILE C 119 -21.80 -10.68 69.45
N PRO C 120 -22.17 -9.81 70.41
CA PRO C 120 -22.64 -10.28 71.71
C PRO C 120 -23.98 -11.01 71.55
N GLU C 121 -24.14 -12.10 72.31
CA GLU C 121 -25.41 -12.87 72.45
C GLU C 121 -26.59 -11.92 72.64
N ASN C 122 -26.38 -10.76 73.28
CA ASN C 122 -27.49 -9.87 73.67
C ASN C 122 -27.86 -8.94 72.50
N THR C 123 -27.14 -9.02 71.37
CA THR C 123 -27.34 -8.12 70.20
C THR C 123 -28.81 -8.15 69.81
N PRO C 124 -29.53 -7.01 69.99
CA PRO C 124 -30.98 -6.99 69.86
C PRO C 124 -31.48 -7.27 68.44
N VAL C 125 -32.74 -7.69 68.35
CA VAL C 125 -33.54 -7.87 67.11
C VAL C 125 -33.50 -6.56 66.31
N GLY C 126 -33.07 -6.62 65.05
CA GLY C 126 -33.09 -5.46 64.12
C GLY C 126 -31.73 -4.81 63.98
N THR C 127 -30.71 -5.35 64.65
CA THR C 127 -29.30 -4.85 64.61
C THR C 127 -28.69 -5.20 63.25
N PRO C 128 -28.22 -4.21 62.46
CA PRO C 128 -27.38 -4.49 61.30
C PRO C 128 -25.98 -4.89 61.77
N ILE C 129 -25.40 -5.97 61.24
CA ILE C 129 -24.17 -6.61 61.79
C ILE C 129 -23.08 -6.76 60.74
N PHE C 130 -23.35 -6.43 59.48
CA PHE C 130 -22.49 -6.84 58.36
C PHE C 130 -23.08 -6.42 57.01
N ILE C 131 -22.17 -6.11 56.09
CA ILE C 131 -22.54 -5.69 54.71
C ILE C 131 -21.74 -6.49 53.71
N VAL C 132 -22.41 -7.22 52.81
CA VAL C 132 -21.72 -8.03 51.79
C VAL C 132 -21.77 -7.22 50.50
N ASN C 133 -20.72 -7.33 49.71
CA ASN C 133 -20.64 -6.63 48.41
C ASN C 133 -20.21 -7.62 47.34
N ALA C 134 -20.98 -7.71 46.26
CA ALA C 134 -20.59 -8.43 45.04
C ALA C 134 -20.94 -7.56 43.85
N THR C 135 -20.18 -7.72 42.78
CA THR C 135 -20.38 -6.99 41.50
C THR C 135 -20.51 -7.96 40.33
N ASP C 136 -21.16 -7.51 39.30
CA ASP C 136 -21.34 -8.31 38.06
C ASP C 136 -21.19 -7.37 36.88
N PRO C 137 -20.25 -7.66 35.94
CA PRO C 137 -19.92 -6.70 34.88
C PRO C 137 -20.72 -6.78 33.55
N ASP C 138 -21.66 -7.73 33.46
CA ASP C 138 -22.57 -7.85 32.29
C ASP C 138 -23.50 -6.64 32.30
N LEU C 139 -24.16 -6.36 31.18
CA LEU C 139 -25.00 -5.15 31.00
C LEU C 139 -26.38 -5.42 31.57
N GLY C 140 -27.06 -4.35 32.00
CA GLY C 140 -28.47 -4.35 32.45
C GLY C 140 -28.73 -5.39 33.51
N ALA C 141 -29.87 -6.08 33.39
CA ALA C 141 -30.37 -7.07 34.39
C ALA C 141 -29.29 -8.12 34.65
N GLY C 142 -28.46 -8.43 33.65
CA GLY C 142 -27.38 -9.43 33.76
C GLY C 142 -26.26 -8.97 34.68
N GLY C 143 -26.22 -7.67 35.03
CA GLY C 143 -25.18 -7.06 35.86
C GLY C 143 -25.70 -6.44 37.12
N SER C 144 -26.93 -6.82 37.51
CA SER C 144 -27.67 -6.27 38.69
C SER C 144 -27.92 -7.36 39.73
N VAL C 145 -27.29 -7.23 40.90
CA VAL C 145 -27.08 -8.37 41.84
C VAL C 145 -28.08 -8.27 42.98
N LEU C 146 -28.62 -9.46 43.33
CA LEU C 146 -29.57 -9.68 44.44
C LEU C 146 -28.99 -10.73 45.39
N TYR C 147 -29.02 -10.40 46.68
CA TYR C 147 -28.50 -11.23 47.78
C TYR C 147 -29.66 -11.98 48.47
N SER C 148 -29.43 -13.26 48.68
CA SER C 148 -30.26 -14.15 49.52
C SER C 148 -29.41 -15.21 50.24
N PHE C 149 -29.86 -15.65 51.42
CA PHE C 149 -29.28 -16.79 52.19
C PHE C 149 -29.77 -18.14 51.65
N GLN C 150 -28.85 -19.11 51.64
CA GLN C 150 -29.09 -20.42 51.02
C GLN C 150 -28.67 -21.54 51.98
N PRO C 151 -29.64 -22.17 52.68
CA PRO C 151 -31.06 -21.76 52.64
C PRO C 151 -31.33 -20.62 53.62
N PRO C 152 -32.60 -20.17 53.78
CA PRO C 152 -32.92 -19.06 54.68
C PRO C 152 -32.58 -19.32 56.17
N SER C 153 -32.32 -18.26 56.94
CA SER C 153 -32.01 -18.33 58.39
C SER C 153 -33.17 -17.78 59.21
N PRO C 154 -33.59 -18.48 60.29
CA PRO C 154 -34.52 -17.91 61.28
C PRO C 154 -34.00 -16.71 62.09
N PHE C 155 -32.67 -16.56 62.17
CA PHE C 155 -31.97 -15.59 63.06
C PHE C 155 -31.55 -14.35 62.27
N PHE C 156 -31.25 -14.51 61.00
CA PHE C 156 -30.54 -13.51 60.20
C PHE C 156 -31.19 -13.40 58.83
N ALA C 157 -31.34 -12.14 58.42
CA ALA C 157 -31.91 -11.72 57.12
C ALA C 157 -30.92 -10.81 56.40
N ILE C 158 -30.95 -10.87 55.08
CA ILE C 158 -30.09 -10.04 54.20
C ILE C 158 -30.96 -9.29 53.19
N ASP C 159 -30.81 -7.97 53.18
CA ASP C 159 -31.48 -7.08 52.20
C ASP C 159 -31.01 -7.44 50.80
N SER C 160 -31.95 -7.72 49.90
CA SER C 160 -31.67 -8.31 48.58
C SER C 160 -30.90 -7.32 47.70
N ALA C 161 -31.14 -6.02 47.93
CA ALA C 161 -30.58 -4.89 47.14
C ALA C 161 -29.25 -4.45 47.74
N ARG C 162 -29.19 -4.21 49.05
CA ARG C 162 -28.03 -3.54 49.70
C ARG C 162 -27.04 -4.53 50.32
N GLY C 163 -27.44 -5.79 50.58
CA GLY C 163 -26.57 -6.84 51.17
C GLY C 163 -26.32 -6.63 52.66
N ILE C 164 -27.18 -5.87 53.34
CA ILE C 164 -27.07 -5.61 54.80
C ILE C 164 -27.70 -6.78 55.54
N VAL C 165 -26.94 -7.41 56.44
CA VAL C 165 -27.41 -8.53 57.30
C VAL C 165 -27.79 -7.96 58.67
N THR C 166 -28.98 -8.29 59.16
CA THR C 166 -29.51 -7.78 60.45
C THR C 166 -30.11 -8.95 61.22
N VAL C 167 -30.08 -8.87 62.56
CA VAL C 167 -30.66 -9.90 63.48
C VAL C 167 -32.19 -9.79 63.46
N ILE C 168 -32.86 -10.90 63.15
CA ILE C 168 -34.36 -10.98 63.07
C ILE C 168 -34.90 -11.77 64.27
N GLN C 169 -34.12 -12.71 64.80
CA GLN C 169 -34.47 -13.55 65.98
C GLN C 169 -33.60 -13.14 67.17
N GLU C 170 -34.17 -13.10 68.38
CA GLU C 170 -33.42 -12.93 69.65
C GLU C 170 -32.39 -14.05 69.76
N LEU C 171 -31.16 -13.74 70.15
CA LEU C 171 -30.07 -14.74 70.33
C LEU C 171 -30.00 -15.22 71.79
N ASP C 172 -29.22 -16.28 72.03
CA ASP C 172 -29.01 -16.94 73.34
C ASP C 172 -27.72 -17.77 73.25
N TYR C 173 -26.62 -17.28 73.81
CA TYR C 173 -25.24 -17.85 73.64
C TYR C 173 -25.30 -19.37 73.82
N GLU C 174 -26.00 -19.81 74.88
CA GLU C 174 -26.07 -21.23 75.31
C GLU C 174 -26.80 -22.06 74.24
N VAL C 175 -27.60 -21.41 73.37
CA VAL C 175 -28.30 -22.09 72.23
C VAL C 175 -27.42 -21.98 70.97
N THR C 176 -26.93 -20.78 70.65
CA THR C 176 -26.28 -20.41 69.35
C THR C 176 -25.21 -19.34 69.60
N LEU C 181 -23.37 -20.15 57.32
CA LEU C 181 -24.11 -19.19 56.45
C LEU C 181 -23.52 -19.21 55.06
N THR C 182 -24.42 -19.34 54.08
CA THR C 182 -24.12 -19.24 52.63
C THR C 182 -24.97 -18.15 52.01
N VAL C 183 -24.31 -17.04 51.69
CA VAL C 183 -24.89 -15.95 50.88
C VAL C 183 -24.84 -16.37 49.41
N ASN C 184 -25.97 -16.26 48.73
CA ASN C 184 -26.05 -16.46 47.27
C ASN C 184 -26.29 -15.11 46.61
N ALA C 185 -25.29 -14.64 45.87
CA ALA C 185 -25.39 -13.46 44.99
C ALA C 185 -25.67 -13.90 43.56
N THR C 186 -26.73 -13.34 42.98
CA THR C 186 -27.21 -13.68 41.64
C THR C 186 -27.49 -12.38 40.89
N ASP C 187 -27.24 -12.43 39.59
CA ASP C 187 -27.70 -11.39 38.64
C ASP C 187 -29.17 -11.66 38.29
N GLN C 188 -29.78 -10.79 37.50
CA GLN C 188 -31.24 -10.80 37.23
C GLN C 188 -31.48 -11.03 35.74
N ASP C 189 -30.56 -11.70 35.02
CA ASP C 189 -30.75 -12.03 33.58
C ASP C 189 -31.99 -12.93 33.44
N LYS C 190 -32.79 -12.67 32.41
CA LYS C 190 -34.13 -13.23 32.18
C LYS C 190 -34.02 -14.75 31.90
N THR C 191 -33.04 -15.14 31.09
CA THR C 191 -32.99 -16.50 30.49
C THR C 191 -31.86 -17.31 31.13
N ARG C 192 -30.75 -16.66 31.43
CA ARG C 192 -29.57 -17.40 31.94
C ARG C 192 -28.97 -16.63 33.10
N PRO C 193 -29.69 -16.52 34.23
CA PRO C 193 -29.14 -15.95 35.44
C PRO C 193 -27.98 -16.81 35.93
N LEU C 194 -27.00 -16.12 36.47
CA LEU C 194 -25.74 -16.67 37.03
C LEU C 194 -25.55 -16.13 38.45
N SER C 195 -25.18 -17.05 39.32
CA SER C 195 -25.18 -16.85 40.80
C SER C 195 -23.83 -17.28 41.38
N THR C 196 -23.49 -16.72 42.51
CA THR C 196 -22.25 -17.09 43.22
C THR C 196 -22.51 -17.09 44.71
N LEU C 197 -21.77 -17.96 45.41
CA LEU C 197 -21.90 -18.22 46.86
C LEU C 197 -20.64 -17.79 47.63
N ALA C 198 -20.86 -17.22 48.80
CA ALA C 198 -19.81 -16.90 49.78
C ALA C 198 -20.21 -17.44 51.16
N ASN C 199 -19.21 -17.79 51.97
CA ASN C 199 -19.44 -18.23 53.38
C ASN C 199 -19.06 -17.13 54.38
N VAL D 3 25.48 8.46 -5.75
CA VAL D 3 24.06 8.10 -5.47
C VAL D 3 23.87 7.93 -3.95
N ASN D 4 22.64 8.09 -3.48
CA ASN D 4 22.26 7.96 -2.04
C ASN D 4 22.49 6.51 -1.60
N ARG D 5 23.00 6.36 -0.37
CA ARG D 5 23.03 5.07 0.36
C ARG D 5 21.96 5.13 1.44
N LEU D 6 21.29 4.00 1.65
CA LEU D 6 20.23 3.81 2.67
C LEU D 6 20.84 3.63 4.07
N PRO D 7 20.21 4.22 5.10
CA PRO D 7 20.56 3.89 6.47
C PRO D 7 20.34 2.43 6.85
N PHE D 8 21.15 1.97 7.79
CA PHE D 8 20.97 0.66 8.45
C PHE D 8 21.08 0.84 9.96
N PHE D 9 20.13 0.24 10.65
CA PHE D 9 20.20 -0.05 12.11
C PHE D 9 21.47 -0.81 12.46
N THR D 10 21.99 -0.46 13.63
CA THR D 10 23.25 -0.97 14.19
C THR D 10 23.03 -1.55 15.58
N ASN D 11 21.81 -1.51 16.11
CA ASN D 11 21.56 -2.04 17.46
C ASN D 11 21.80 -3.56 17.51
N HIS D 12 22.44 -4.05 18.57
CA HIS D 12 22.76 -5.49 18.72
C HIS D 12 21.48 -6.29 18.87
N PHE D 13 20.44 -5.74 19.49
CA PHE D 13 19.20 -6.50 19.80
C PHE D 13 18.52 -6.94 18.48
N PHE D 14 18.74 -6.26 17.36
CA PHE D 14 18.24 -6.72 16.04
C PHE D 14 18.83 -8.09 15.74
N ASP D 15 20.00 -8.38 16.32
CA ASP D 15 20.78 -9.61 16.05
C ASP D 15 20.32 -10.75 16.98
N GLU D 16 19.93 -10.52 18.25
CA GLU D 16 19.26 -11.61 19.02
C GLU D 16 17.85 -11.20 19.43
N TYR D 17 17.71 -10.49 20.54
CA TYR D 17 16.37 -10.09 21.01
C TYR D 17 16.51 -9.00 22.05
N LEU D 18 15.38 -8.39 22.40
CA LEU D 18 15.30 -7.31 23.41
C LEU D 18 14.39 -7.72 24.57
N LEU D 19 14.97 -7.69 25.78
CA LEU D 19 14.26 -7.98 27.03
C LEU D 19 13.65 -6.69 27.57
N ILE D 20 12.37 -6.72 27.89
CA ILE D 20 11.76 -5.70 28.78
C ILE D 20 10.98 -6.41 29.89
N SER D 21 11.31 -6.09 31.13
CA SER D 21 10.63 -6.64 32.31
C SER D 21 9.19 -6.16 32.31
N GLU D 22 8.28 -7.02 32.78
CA GLU D 22 6.82 -6.82 32.62
C GLU D 22 6.32 -5.63 33.45
N ASP D 23 7.14 -5.04 34.34
CA ASP D 23 6.68 -4.00 35.31
C ASP D 23 7.08 -2.58 34.85
N THR D 24 7.68 -2.45 33.67
CA THR D 24 8.14 -1.15 33.10
C THR D 24 6.98 -0.14 33.05
N PRO D 25 7.12 1.06 33.65
CA PRO D 25 6.16 2.16 33.47
C PRO D 25 6.16 2.78 32.07
N VAL D 30 13.65 2.47 27.89
CA VAL D 30 13.30 1.21 27.16
C VAL D 30 14.44 0.83 26.21
N THR D 31 14.79 1.71 25.29
CA THR D 31 15.98 1.57 24.43
C THR D 31 16.21 2.83 23.61
N GLN D 32 17.30 2.87 22.87
CA GLN D 32 17.49 3.92 21.85
C GLN D 32 17.93 3.31 20.52
N LEU D 33 17.13 3.51 19.47
CA LEU D 33 17.43 3.03 18.12
C LEU D 33 18.67 3.74 17.64
N LEU D 34 19.56 2.97 17.02
CA LEU D 34 20.86 3.47 16.50
C LEU D 34 21.01 3.06 15.04
N ALA D 35 21.27 4.05 14.19
CA ALA D 35 21.36 3.83 12.75
C ALA D 35 22.49 4.71 12.26
N ARG D 36 23.08 4.26 11.16
CA ARG D 36 24.19 4.90 10.44
C ARG D 36 23.80 5.10 8.98
N ASP D 37 24.08 6.32 8.50
CA ASP D 37 23.90 6.70 7.08
C ASP D 37 25.22 7.17 6.46
N MET D 38 25.67 6.47 5.42
CA MET D 38 27.04 6.61 4.88
C MET D 38 27.18 7.96 4.19
N ASP D 39 26.07 8.64 3.84
CA ASP D 39 26.08 10.04 3.31
C ASP D 39 26.11 11.04 4.47
N ASN D 40 25.88 10.57 5.71
CA ASN D 40 25.66 11.39 6.93
C ASN D 40 24.42 12.25 6.72
N ASP D 41 23.39 11.69 6.08
CA ASP D 41 22.03 12.26 6.11
C ASP D 41 21.58 12.32 7.57
N PRO D 42 20.95 13.42 7.99
CA PRO D 42 20.05 13.39 9.14
C PRO D 42 18.96 12.35 8.90
N LEU D 43 18.69 11.64 9.98
CA LEU D 43 17.73 10.51 10.05
C LEU D 43 16.53 10.78 10.96
N VAL D 44 15.42 10.12 10.62
CA VAL D 44 14.18 10.08 11.43
C VAL D 44 13.77 8.63 11.66
N PHE D 45 13.43 8.37 12.91
CA PHE D 45 12.99 7.02 13.37
C PHE D 45 11.49 6.93 13.66
N GLY D 46 10.98 5.71 13.51
CA GLY D 46 9.60 5.36 13.90
C GLY D 46 9.38 3.88 14.21
N VAL D 47 8.12 3.55 14.47
CA VAL D 47 7.63 2.16 14.55
C VAL D 47 6.45 1.99 13.60
N SER D 48 6.27 0.77 13.10
CA SER D 48 5.17 0.43 12.18
C SER D 48 4.42 -0.80 12.67
N GLY D 49 3.22 -0.99 12.14
CA GLY D 49 2.24 -1.96 12.68
C GLY D 49 1.25 -1.35 13.66
N GLU D 50 0.01 -1.83 13.68
CA GLU D 50 -1.06 -1.18 14.48
C GLU D 50 -0.82 -1.51 15.95
N GLU D 51 -0.53 -2.76 16.26
CA GLU D 51 -0.42 -3.14 17.69
C GLU D 51 0.88 -2.55 18.25
N ALA D 52 1.95 -2.68 17.49
CA ALA D 52 3.26 -2.19 17.92
C ALA D 52 3.18 -0.69 18.20
N SER D 53 2.56 0.02 17.25
CA SER D 53 2.39 1.48 17.27
C SER D 53 1.65 1.91 18.51
N ARG D 54 0.70 1.11 18.96
CA ARG D 54 -0.12 1.33 20.17
C ARG D 54 0.71 1.13 21.42
N PHE D 55 1.59 0.14 21.46
CA PHE D 55 2.39 -0.20 22.65
C PHE D 55 3.60 0.71 22.78
N PHE D 56 4.17 1.14 21.66
CA PHE D 56 5.47 1.80 21.61
C PHE D 56 5.40 3.06 20.75
N ALA D 57 6.15 4.05 21.22
CA ALA D 57 6.38 5.36 20.59
C ALA D 57 7.87 5.58 20.41
N VAL D 58 8.22 6.30 19.36
CA VAL D 58 9.63 6.53 18.96
C VAL D 58 9.83 8.03 18.71
N GLU D 59 10.78 8.64 19.41
CA GLU D 59 11.17 10.04 19.13
C GLU D 59 11.84 10.08 17.78
N PRO D 60 11.27 10.84 16.81
CA PRO D 60 11.78 10.81 15.44
C PRO D 60 13.22 11.30 15.33
N ASP D 61 13.60 12.29 16.15
CA ASP D 61 14.94 12.95 16.10
C ASP D 61 15.99 12.08 16.80
N THR D 62 15.70 11.61 18.02
CA THR D 62 16.71 11.02 18.96
C THR D 62 16.64 9.50 18.94
N GLY D 63 15.69 8.92 18.19
CA GLY D 63 15.47 7.47 18.09
C GLY D 63 15.30 6.84 19.47
N VAL D 64 14.56 7.51 20.34
CA VAL D 64 14.29 7.08 21.72
C VAL D 64 12.97 6.33 21.70
N VAL D 65 12.91 5.22 22.40
CA VAL D 65 11.71 4.35 22.40
C VAL D 65 11.06 4.40 23.77
N TRP D 66 9.74 4.65 23.72
CA TRP D 66 8.81 5.01 24.81
C TRP D 66 7.73 3.93 24.94
N LEU D 67 7.54 3.45 26.16
CA LEU D 67 6.40 2.56 26.46
C LEU D 67 5.12 3.39 26.52
N ARG D 68 4.11 3.01 25.75
CA ARG D 68 2.84 3.75 25.79
C ARG D 68 1.91 3.09 26.80
N GLN D 69 1.92 1.76 26.84
CA GLN D 69 0.97 1.03 27.71
C GLN D 69 1.72 -0.09 28.41
N PRO D 70 1.22 -0.56 29.58
CA PRO D 70 1.95 -1.53 30.39
C PRO D 70 1.96 -2.91 29.71
N LEU D 71 3.11 -3.60 29.74
CA LEU D 71 3.29 -4.97 29.18
C LEU D 71 2.80 -5.96 30.23
N ASP D 72 2.35 -7.14 29.82
CA ASP D 72 1.80 -8.17 30.73
C ASP D 72 2.38 -9.54 30.34
N ARG D 73 3.28 -10.06 31.16
CA ARG D 73 3.96 -11.36 30.88
C ARG D 73 2.86 -12.39 30.64
N GLU D 74 1.85 -12.42 31.50
CA GLU D 74 0.83 -13.50 31.51
C GLU D 74 0.05 -13.51 30.17
N THR D 75 -0.31 -12.35 29.60
CA THR D 75 -1.09 -12.28 28.34
C THR D 75 -0.20 -12.67 27.16
N LYS D 76 0.97 -12.05 27.11
CA LYS D 76 1.96 -12.20 26.02
C LYS D 76 3.35 -12.03 26.60
N SER D 77 4.22 -12.99 26.33
CA SER D 77 5.59 -13.04 26.89
C SER D 77 6.61 -12.78 25.78
N GLU D 78 6.20 -12.80 24.54
CA GLU D 78 7.03 -12.21 23.47
C GLU D 78 6.19 -11.53 22.40
N PHE D 79 6.81 -10.55 21.77
CA PHE D 79 6.33 -9.86 20.55
C PHE D 79 7.44 -9.87 19.51
N THR D 80 7.05 -9.55 18.27
CA THR D 80 7.95 -9.07 17.18
C THR D 80 7.49 -7.69 16.70
N VAL D 81 8.40 -6.72 16.76
CA VAL D 81 8.09 -5.27 16.63
C VAL D 81 8.99 -4.65 15.55
N GLU D 82 8.35 -4.00 14.59
CA GLU D 82 9.06 -3.50 13.39
C GLU D 82 9.35 -2.02 13.56
N PHE D 83 10.63 -1.67 13.48
CA PHE D 83 11.12 -0.29 13.60
C PHE D 83 11.60 0.18 12.24
N SER D 84 11.57 1.48 12.07
CA SER D 84 11.88 2.15 10.77
C SER D 84 12.88 3.28 10.99
N VAL D 85 13.73 3.46 10.01
CA VAL D 85 14.61 4.65 9.91
C VAL D 85 14.58 5.16 8.48
N SER D 86 14.58 6.49 8.38
CA SER D 86 14.48 7.25 7.12
C SER D 86 15.57 8.31 7.08
N ASP D 87 16.20 8.40 5.92
CA ASP D 87 17.06 9.55 5.51
C ASP D 87 16.26 10.53 4.62
N HIS D 88 14.93 10.43 4.62
CA HIS D 88 13.96 11.31 3.89
C HIS D 88 14.00 11.02 2.39
N GLN D 89 14.68 9.96 1.97
CA GLN D 89 14.73 9.50 0.57
C GLN D 89 14.21 8.06 0.50
N GLY D 90 13.31 7.72 1.42
CA GLY D 90 12.90 6.34 1.66
C GLY D 90 13.19 5.80 3.06
N VAL D 91 12.69 4.59 3.28
CA VAL D 91 12.47 3.97 4.61
C VAL D 91 13.05 2.56 4.57
N ILE D 92 13.80 2.26 5.64
CA ILE D 92 14.29 0.91 6.00
C ILE D 92 13.67 0.49 7.33
N THR D 93 13.11 -0.71 7.33
CA THR D 93 12.52 -1.35 8.51
C THR D 93 13.22 -2.67 8.88
N ARG D 94 13.30 -2.90 10.17
CA ARG D 94 13.81 -4.18 10.69
C ARG D 94 12.97 -4.51 11.90
N LYS D 95 12.74 -5.80 12.07
CA LYS D 95 12.03 -6.38 13.22
C LYS D 95 13.03 -6.73 14.34
N VAL D 96 12.62 -6.43 15.57
CA VAL D 96 13.23 -6.99 16.79
C VAL D 96 12.22 -7.92 17.47
N ASN D 97 12.73 -9.09 17.83
CA ASN D 97 12.04 -10.05 18.73
C ASN D 97 12.09 -9.50 20.15
N ILE D 98 10.94 -9.28 20.78
CA ILE D 98 10.88 -8.71 22.15
C ILE D 98 10.44 -9.78 23.12
N GLN D 99 11.26 -10.01 24.15
CA GLN D 99 10.94 -10.96 25.24
C GLN D 99 10.57 -10.20 26.50
N VAL D 100 9.43 -10.57 27.06
CA VAL D 100 8.88 -9.97 28.30
C VAL D 100 9.45 -10.70 29.49
N GLY D 101 9.99 -9.93 30.45
CA GLY D 101 10.62 -10.51 31.64
C GLY D 101 9.66 -10.65 32.79
N ASP D 102 9.38 -11.89 33.23
CA ASP D 102 8.32 -12.10 34.26
C ASP D 102 8.74 -11.58 35.64
N VAL D 103 7.70 -11.20 36.39
CA VAL D 103 7.74 -10.77 37.82
C VAL D 103 6.60 -11.52 38.51
N ASN D 104 6.73 -11.76 39.82
CA ASN D 104 5.61 -12.30 40.65
C ASN D 104 4.62 -11.18 40.93
N ASP D 105 3.59 -11.06 40.09
CA ASP D 105 2.57 -10.01 40.28
C ASP D 105 1.20 -10.65 40.44
N ASN D 106 1.14 -11.97 40.71
CA ASN D 106 -0.14 -12.69 40.90
C ASN D 106 -0.11 -13.53 42.18
N ALA D 107 -1.19 -13.46 42.96
CA ALA D 107 -1.53 -14.43 44.03
C ALA D 107 -2.23 -15.62 43.40
N PRO D 108 -2.25 -16.78 44.10
CA PRO D 108 -3.07 -17.90 43.65
C PRO D 108 -4.59 -17.64 43.55
N THR D 109 -5.24 -18.51 42.81
CA THR D 109 -6.72 -18.59 42.74
C THR D 109 -7.16 -20.02 43.03
N PHE D 110 -8.02 -20.18 44.02
CA PHE D 110 -8.67 -21.45 44.38
C PHE D 110 -9.77 -21.75 43.38
N HIS D 111 -9.80 -22.99 42.93
CA HIS D 111 -10.83 -23.51 41.99
C HIS D 111 -11.82 -24.38 42.74
N ASN D 112 -13.06 -24.35 42.30
CA ASN D 112 -14.10 -25.35 42.65
C ASN D 112 -14.64 -25.07 44.05
N GLN D 113 -14.81 -23.80 44.41
CA GLN D 113 -15.57 -23.41 45.62
C GLN D 113 -17.06 -23.50 45.30
N PRO D 114 -17.92 -23.83 46.27
CA PRO D 114 -17.52 -23.89 47.68
C PRO D 114 -16.77 -25.17 48.07
N TYR D 115 -15.84 -25.03 49.01
CA TYR D 115 -15.20 -26.16 49.71
C TYR D 115 -15.95 -26.43 51.02
N SER D 116 -16.35 -27.66 51.22
CA SER D 116 -17.35 -28.06 52.22
C SER D 116 -17.47 -29.58 52.23
N VAL D 117 -17.33 -30.22 53.36
CA VAL D 117 -17.48 -31.68 53.39
C VAL D 117 -17.84 -32.08 54.80
N ARG D 118 -18.79 -33.00 54.89
CA ARG D 118 -19.12 -33.75 56.12
C ARG D 118 -19.08 -35.25 55.82
N ILE D 119 -18.36 -35.95 56.69
CA ILE D 119 -18.07 -37.41 56.61
C ILE D 119 -18.60 -38.14 57.86
N PRO D 120 -18.80 -39.48 57.78
CA PRO D 120 -19.18 -40.25 58.96
C PRO D 120 -18.15 -40.06 60.09
N GLU D 121 -18.61 -39.97 61.34
CA GLU D 121 -17.77 -39.83 62.59
C GLU D 121 -16.79 -41.01 62.68
N ASN D 122 -17.26 -42.20 62.26
CA ASN D 122 -16.57 -43.52 62.36
C ASN D 122 -15.33 -43.58 61.45
N THR D 123 -15.25 -42.71 60.43
CA THR D 123 -14.20 -42.70 59.38
C THR D 123 -12.83 -42.61 60.03
N PRO D 124 -11.81 -43.37 59.53
CA PRO D 124 -10.48 -43.44 60.13
C PRO D 124 -9.54 -42.22 60.08
N VAL D 125 -8.59 -42.16 61.02
CA VAL D 125 -7.37 -41.30 60.92
C VAL D 125 -6.59 -41.73 59.67
N GLY D 126 -6.05 -40.76 58.95
CA GLY D 126 -5.25 -40.99 57.72
C GLY D 126 -6.12 -40.84 56.49
N THR D 127 -7.44 -40.95 56.65
CA THR D 127 -8.43 -40.84 55.55
C THR D 127 -8.24 -39.49 54.85
N PRO D 128 -7.90 -39.48 53.55
CA PRO D 128 -8.01 -38.28 52.74
C PRO D 128 -9.49 -38.05 52.41
N ILE D 129 -9.98 -36.84 52.67
CA ILE D 129 -11.43 -36.50 52.56
C ILE D 129 -11.66 -35.46 51.45
N PHE D 130 -10.60 -34.90 50.89
CA PHE D 130 -10.73 -33.65 50.13
C PHE D 130 -9.42 -33.26 49.46
N ILE D 131 -9.58 -32.60 48.33
CA ILE D 131 -8.44 -32.06 47.52
C ILE D 131 -8.69 -30.59 47.23
N VAL D 132 -7.81 -29.70 47.71
CA VAL D 132 -7.87 -28.25 47.41
C VAL D 132 -6.98 -28.01 46.19
N ASN D 133 -7.41 -27.15 45.29
CA ASN D 133 -6.57 -26.78 44.13
C ASN D 133 -6.59 -25.28 43.93
N ALA D 134 -5.40 -24.69 43.87
CA ALA D 134 -5.23 -23.27 43.51
C ALA D 134 -4.12 -23.17 42.48
N THR D 135 -4.30 -22.25 41.53
CA THR D 135 -3.32 -21.97 40.46
C THR D 135 -2.78 -20.53 40.49
N ASP D 136 -1.55 -20.40 40.06
CA ASP D 136 -0.84 -19.11 40.04
C ASP D 136 -0.16 -18.95 38.69
N PRO D 137 -0.45 -17.87 37.94
CA PRO D 137 0.02 -17.78 36.56
C PRO D 137 1.44 -17.22 36.38
N ASP D 138 2.13 -16.84 37.46
CA ASP D 138 3.55 -16.38 37.37
C ASP D 138 4.44 -17.58 37.06
N LEU D 139 5.69 -17.33 36.68
CA LEU D 139 6.66 -18.36 36.20
C LEU D 139 7.47 -18.92 37.36
N GLY D 140 7.99 -20.15 37.20
CA GLY D 140 8.83 -20.86 38.18
C GLY D 140 8.30 -20.76 39.61
N ALA D 141 9.17 -20.35 40.54
CA ALA D 141 8.91 -20.22 41.98
C ALA D 141 7.60 -19.44 42.21
N GLY D 142 7.38 -18.38 41.43
CA GLY D 142 6.25 -17.44 41.64
C GLY D 142 4.91 -18.04 41.27
N GLY D 143 4.90 -19.20 40.59
CA GLY D 143 3.70 -19.88 40.08
C GLY D 143 3.52 -21.24 40.71
N SER D 144 4.34 -21.53 41.72
CA SER D 144 4.36 -22.82 42.43
C SER D 144 3.76 -22.64 43.83
N VAL D 145 2.68 -23.37 44.14
CA VAL D 145 1.84 -23.06 45.32
C VAL D 145 2.05 -24.11 46.41
N LEU D 146 2.01 -23.59 47.63
CA LEU D 146 2.05 -24.33 48.91
C LEU D 146 0.76 -24.12 49.71
N TYR D 147 0.30 -25.21 50.31
CA TYR D 147 -0.96 -25.28 51.08
C TYR D 147 -0.67 -25.56 52.56
N SER D 148 -1.24 -24.72 53.40
CA SER D 148 -1.23 -24.88 54.87
C SER D 148 -2.55 -24.37 55.47
N PHE D 149 -2.87 -24.77 56.70
CA PHE D 149 -4.05 -24.27 57.46
C PHE D 149 -3.61 -23.07 58.32
N GLN D 150 -4.39 -22.00 58.36
CA GLN D 150 -4.10 -20.79 59.19
C GLN D 150 -5.39 -20.31 59.88
N PRO D 151 -5.58 -20.63 61.17
CA PRO D 151 -4.60 -21.39 61.95
C PRO D 151 -4.63 -22.89 61.62
N PRO D 152 -3.61 -23.67 62.04
CA PRO D 152 -3.62 -25.12 61.86
C PRO D 152 -4.75 -25.78 62.65
N SER D 153 -5.10 -27.03 62.33
CA SER D 153 -6.08 -27.86 63.09
C SER D 153 -5.36 -29.06 63.70
N PRO D 154 -5.64 -29.42 64.99
CA PRO D 154 -5.12 -30.65 65.58
C PRO D 154 -5.77 -31.93 65.03
N PHE D 155 -6.86 -31.79 64.28
CA PHE D 155 -7.72 -32.89 63.76
C PHE D 155 -7.42 -33.14 62.27
N PHE D 156 -6.95 -32.12 61.58
CA PHE D 156 -6.77 -32.18 60.12
C PHE D 156 -5.43 -31.57 59.76
N ALA D 157 -4.76 -32.26 58.84
CA ALA D 157 -3.53 -31.83 58.15
C ALA D 157 -3.74 -31.79 56.63
N ILE D 158 -3.02 -30.88 55.98
CA ILE D 158 -3.10 -30.70 54.52
C ILE D 158 -1.69 -30.77 53.91
N ASP D 159 -1.51 -31.71 52.98
CA ASP D 159 -0.25 -31.85 52.21
C ASP D 159 0.12 -30.50 51.60
N SER D 160 1.34 -30.05 51.86
CA SER D 160 1.83 -28.71 51.46
C SER D 160 1.95 -28.60 49.92
N ALA D 161 2.31 -29.70 49.27
CA ALA D 161 2.59 -29.77 47.83
C ALA D 161 1.31 -30.02 47.05
N ARG D 162 0.39 -30.82 47.61
CA ARG D 162 -0.66 -31.52 46.82
C ARG D 162 -2.08 -31.11 47.27
N GLY D 163 -2.22 -30.55 48.48
CA GLY D 163 -3.48 -30.00 49.02
C GLY D 163 -4.52 -31.07 49.31
N ILE D 164 -4.08 -32.33 49.50
CA ILE D 164 -4.94 -33.42 50.05
C ILE D 164 -5.09 -33.19 51.55
N VAL D 165 -6.34 -33.10 52.01
CA VAL D 165 -6.70 -32.96 53.45
C VAL D 165 -6.91 -34.35 54.04
N THR D 166 -6.14 -34.68 55.09
CA THR D 166 -6.25 -35.94 55.86
C THR D 166 -6.67 -35.67 57.32
N VAL D 167 -7.32 -36.65 57.95
CA VAL D 167 -7.60 -36.65 59.42
C VAL D 167 -6.33 -37.14 60.14
N ILE D 168 -5.88 -36.40 61.16
CA ILE D 168 -4.70 -36.74 62.00
C ILE D 168 -5.15 -37.09 63.42
N GLN D 169 -6.39 -36.76 63.80
CA GLN D 169 -6.96 -37.10 65.12
C GLN D 169 -8.40 -37.59 64.94
N GLU D 170 -8.79 -38.61 65.71
CA GLU D 170 -10.12 -39.27 65.56
C GLU D 170 -11.20 -38.29 65.99
N LEU D 171 -12.35 -38.31 65.30
CA LEU D 171 -13.46 -37.34 65.52
C LEU D 171 -14.52 -37.99 66.41
N ASP D 172 -15.14 -37.19 67.29
CA ASP D 172 -16.27 -37.61 68.16
C ASP D 172 -17.38 -36.55 68.03
N TYR D 173 -18.52 -36.92 67.44
CA TYR D 173 -19.63 -35.97 67.18
C TYR D 173 -19.97 -35.23 68.48
N GLU D 174 -20.15 -35.99 69.56
CA GLU D 174 -20.36 -35.46 70.94
C GLU D 174 -19.60 -34.14 71.12
N VAL D 175 -18.32 -34.09 70.72
CA VAL D 175 -17.36 -33.00 71.07
C VAL D 175 -17.57 -31.80 70.14
N THR D 176 -17.42 -31.98 68.82
CA THR D 176 -17.58 -30.90 67.80
C THR D 176 -18.12 -31.48 66.50
N GLN D 177 -19.24 -30.93 66.00
CA GLN D 177 -20.01 -31.44 64.85
C GLN D 177 -19.27 -31.17 63.52
N ALA D 178 -18.74 -29.95 63.35
CA ALA D 178 -18.26 -29.43 62.06
C ALA D 178 -17.14 -28.40 62.32
N TYR D 179 -16.19 -28.27 61.38
CA TYR D 179 -14.91 -27.53 61.55
C TYR D 179 -14.81 -26.40 60.51
N ASN D 184 -5.25 -21.66 53.15
CA ASN D 184 -4.29 -20.66 52.61
C ASN D 184 -3.38 -21.31 51.57
N ALA D 185 -3.19 -20.59 50.49
CA ALA D 185 -2.31 -20.94 49.35
C ALA D 185 -1.34 -19.81 49.07
N THR D 186 -0.06 -20.14 49.00
CA THR D 186 1.04 -19.20 48.79
C THR D 186 1.91 -19.68 47.64
N ASP D 187 2.44 -18.75 46.87
CA ASP D 187 3.51 -19.06 45.90
C ASP D 187 4.84 -19.01 46.63
N GLN D 188 5.92 -19.36 45.91
CA GLN D 188 7.26 -19.60 46.49
C GLN D 188 8.30 -18.65 45.86
N ASP D 189 7.84 -17.46 45.47
CA ASP D 189 8.73 -16.38 44.95
C ASP D 189 9.72 -16.01 46.06
N LYS D 190 11.02 -16.18 45.79
CA LYS D 190 12.11 -15.86 46.75
C LYS D 190 11.83 -14.50 47.41
N THR D 191 11.51 -13.48 46.62
CA THR D 191 11.68 -12.06 47.03
C THR D 191 10.35 -11.49 47.50
N ARG D 192 9.25 -11.73 46.80
CA ARG D 192 7.95 -11.27 47.32
C ARG D 192 6.89 -12.33 47.09
N PRO D 193 6.78 -13.32 48.01
CA PRO D 193 5.69 -14.27 47.95
C PRO D 193 4.29 -13.62 48.07
N LEU D 194 3.35 -14.26 47.40
CA LEU D 194 1.93 -13.84 47.34
C LEU D 194 1.04 -15.03 47.68
N SER D 195 0.01 -14.75 48.45
CA SER D 195 -0.90 -15.81 48.96
C SER D 195 -2.37 -15.40 48.90
N THR D 196 -3.21 -16.42 48.92
CA THR D 196 -4.69 -16.28 48.98
C THR D 196 -5.22 -17.23 50.05
N LEU D 197 -6.32 -16.83 50.67
CA LEU D 197 -7.03 -17.71 51.63
C LEU D 197 -8.31 -18.24 51.00
N ALA D 198 -8.68 -19.46 51.38
CA ALA D 198 -10.01 -20.02 51.04
C ALA D 198 -10.62 -20.63 52.29
N ASN D 199 -11.92 -20.88 52.24
CA ASN D 199 -12.65 -21.61 53.30
C ASN D 199 -12.77 -23.10 52.95
#